data_1PN7
# 
_entry.id   1PN7 
# 
_audit_conform.dict_name       mmcif_pdbx.dic 
_audit_conform.dict_version    5.386 
_audit_conform.dict_location   http://mmcif.pdb.org/dictionaries/ascii/mmcif_pdbx.dic 
# 
loop_
_database_2.database_id 
_database_2.database_code 
_database_2.pdbx_database_accession 
_database_2.pdbx_DOI 
PDB   1PN7         pdb_00001pn7 10.2210/pdb1pn7/pdb 
RCSB  RCSB019444   ?            ?                   
WWPDB D_1000019444 ?            ?                   
# 
loop_
_pdbx_audit_revision_history.ordinal 
_pdbx_audit_revision_history.data_content_type 
_pdbx_audit_revision_history.major_revision 
_pdbx_audit_revision_history.minor_revision 
_pdbx_audit_revision_history.revision_date 
1 'Structure model' 1 0 2003-07-15 
2 'Structure model' 1 1 2008-04-29 
3 'Structure model' 1 2 2011-07-13 
4 'Structure model' 1 3 2024-02-14 
# 
_pdbx_audit_revision_details.ordinal             1 
_pdbx_audit_revision_details.revision_ordinal    1 
_pdbx_audit_revision_details.data_content_type   'Structure model' 
_pdbx_audit_revision_details.provider            repository 
_pdbx_audit_revision_details.type                'Initial release' 
_pdbx_audit_revision_details.description         ? 
_pdbx_audit_revision_details.details             ? 
# 
loop_
_pdbx_audit_revision_group.ordinal 
_pdbx_audit_revision_group.revision_ordinal 
_pdbx_audit_revision_group.data_content_type 
_pdbx_audit_revision_group.group 
1 2 'Structure model' 'Version format compliance' 
2 3 'Structure model' 'Version format compliance' 
3 4 'Structure model' 'Data collection'           
4 4 'Structure model' 'Database references'       
5 4 'Structure model' 'Refinement description'    
# 
loop_
_pdbx_audit_revision_category.ordinal 
_pdbx_audit_revision_category.revision_ordinal 
_pdbx_audit_revision_category.data_content_type 
_pdbx_audit_revision_category.category 
1 4 'Structure model' chem_comp_atom                
2 4 'Structure model' chem_comp_bond                
3 4 'Structure model' database_2                    
4 4 'Structure model' em_3d_fitting_list            
5 4 'Structure model' em_image_scans                
6 4 'Structure model' pdbx_initial_refinement_model 
# 
loop_
_pdbx_audit_revision_item.ordinal 
_pdbx_audit_revision_item.revision_ordinal 
_pdbx_audit_revision_item.data_content_type 
_pdbx_audit_revision_item.item 
1 4 'Structure model' '_database_2.pdbx_DOI'                            
2 4 'Structure model' '_database_2.pdbx_database_accession'             
3 4 'Structure model' '_em_3d_fitting_list.accession_code'              
4 4 'Structure model' '_em_3d_fitting_list.initial_refinement_model_id' 
5 4 'Structure model' '_em_3d_fitting_list.source_name'                 
6 4 'Structure model' '_em_3d_fitting_list.type'                        
# 
_pdbx_database_status.status_code                     REL 
_pdbx_database_status.entry_id                        1PN7 
_pdbx_database_status.recvd_initial_deposition_date   2003-06-12 
_pdbx_database_status.deposit_site                    RCSB 
_pdbx_database_status.process_site                    RCSB 
_pdbx_database_status.SG_entry                        . 
_pdbx_database_status.status_code_sf                  ? 
_pdbx_database_status.status_code_mr                  ? 
_pdbx_database_status.pdb_format_compatible           Y 
_pdbx_database_status.status_code_cs                  ? 
_pdbx_database_status.status_code_nmr_data            ? 
_pdbx_database_status.methods_development_category    ? 
# 
loop_
_pdbx_database_related.db_name 
_pdbx_database_related.db_id 
_pdbx_database_related.details 
_pdbx_database_related.content_type 
PDB  1GIX     'Crystal structure of the Ribosome at 5.5A resolution -- 30S Ribosome subunit, three tRNA, and mRNA molecules' 
unspecified            
PDB  1GIY     'Crystal structure of the Ribosome at 5.5A resolution -- 50S Ribosome subunit' unspecified            
PDB  1PN6     'Elongation Factor-G, E.coli 70S ribosome, Post-termination complex, Fitting of crystal structure, Cryo-EM' 
unspecified            
PDB  1PN8     
;Coordinates of S12, L11 proteins and E-site tRNA from 70S crystal structure separately fitted into the Cryo-EM map of E.coli 70S.EF-G.GDPNP complex
;
unspecified            
EMDB EMD-1055 . 'other EM volume'      
EMDB EMD-1362 . 'other EM volume'      
EMDB EMD-1363 . 'associated EM volume' 
EMDB EMD-1364 . 'other EM volume'      
EMDB EMD-1365 . 'other EM volume'      
EMDB EMD-1366 . 'other EM volume'      
# 
loop_
_audit_author.name 
_audit_author.pdbx_ordinal 
'Valle, M.'     1 
'Zavialov, A.'  2 
'Sengupta, J.'  3 
'Rawat, U.'     4 
'Ehrenberg, M.' 5 
'Frank, J.'     6 
# 
_citation.id                        primary 
_citation.title                     'Locking and Unlocking of Ribosomal Motions' 
_citation.journal_abbrev            'Cell(Cambridge,Mass.)' 
_citation.journal_volume            114 
_citation.page_first                123 
_citation.page_last                 134 
_citation.year                      2003 
_citation.journal_id_ASTM           CELLB5 
_citation.country                   US 
_citation.journal_id_ISSN           0092-8674 
_citation.journal_id_CSD            0998 
_citation.book_publisher            ? 
_citation.pdbx_database_id_PubMed   12859903 
_citation.pdbx_database_id_DOI      '10.1016/S0092-8674(03)00476-8' 
# 
loop_
_citation_author.citation_id 
_citation_author.name 
_citation_author.ordinal 
_citation_author.identifier_ORCID 
primary 'Valle, M.'     1 ? 
primary 'Zavialov, A.'  2 ? 
primary 'Sengupta, J.'  3 ? 
primary 'Rawat, U.'     4 ? 
primary 'Ehrenberg, M.' 5 ? 
primary 'Frank, J.'     6 ? 
# 
loop_
_entity.id 
_entity.type 
_entity.src_method 
_entity.pdbx_description 
_entity.formula_weight 
_entity.pdbx_number_of_molecules 
_entity.pdbx_ec 
_entity.pdbx_mutation 
_entity.pdbx_fragment 
_entity.details 
1 polymer syn P-tRNA                      20016.959 1 ? ? ? ? 
2 polymer nat '30S ribosomal protein S12' 13804.311 1 ? ? ? ? 
3 polymer nat '50S ribosomal protein L11' 14294.913 1 ? ? ? ? 
# 
loop_
_entity_poly.entity_id 
_entity_poly.type 
_entity_poly.nstd_linkage 
_entity_poly.nstd_monomer 
_entity_poly.pdbx_seq_one_letter_code 
_entity_poly.pdbx_seq_one_letter_code_can 
_entity_poly.pdbx_strand_id 
_entity_poly.pdbx_target_identifier 
1 polyribonucleotide no no GCGGAUUUACUCAGGGGAGAGCCCAGAUAAAUGGAGUCUGUGCGUCCACAGAAUUCGCACCA 
GCGGAUUUACUCAGGGGAGAGCCCAGAUAAAUGGAGUCUGUGCGUCCACAGAAUUCGCACCA C ? 
2 'polypeptide(L)'   no no 
;PTINQLVRKGREKVRKKSKVPALKGAPFRRGVCTVVRTVTPKKPNSALRKVAKVRLTSGYEVTAYIPGEGHNLQEHSVVL
IRGGRVKDLPGVRYHIVRGVYDAAGVKDRKKSRSKYGTKKPKEA
;
;PTINQLVRKGREKVRKKSKVPALKGAPFRRGVCTVVRTVTPKKPNSALRKVAKVRLTSGYEVTAYIPGEGHNLQEHSVVL
IRGGRVKDLPGVRYHIVRGVYDAAGVKDRKKSRSKYGTKKPKEA
;
O ? 
3 'polypeptide(L)'   no no 
;QIKLQLPAGKATPAPPVGPALGQHGVNIMEFCKRFNAETADKAGMILPVVITVYEDKSFTFIIKTPPASFLLKKAAGIEK
GSSEPKRKIVGKVTRKQIEEIAKTKMPDLNANSLEAAMKIIEGTAKSMGIEVV
;
;QIKLQLPAGKATPAPPVGPALGQHGVNIMEFCKRFNAETADKAGMILPVVITVYEDKSFTFIIKTPPASFLLKKAAGIEK
GSSEPKRKIVGKVTRKQIEEIAKTKMPDLNANSLEAAMKIIEGTAKSMGIEVV
;
L ? 
# 
loop_
_entity_poly_seq.entity_id 
_entity_poly_seq.num 
_entity_poly_seq.mon_id 
_entity_poly_seq.hetero 
1 1   G   n 
1 2   C   n 
1 3   G   n 
1 4   G   n 
1 5   A   n 
1 6   U   n 
1 7   U   n 
1 8   U   n 
1 9   A   n 
1 10  C   n 
1 11  U   n 
1 12  C   n 
1 13  A   n 
1 14  G   n 
1 15  G   n 
1 16  G   n 
1 17  G   n 
1 18  A   n 
1 19  G   n 
1 20  A   n 
1 21  G   n 
1 22  C   n 
1 23  C   n 
1 24  C   n 
1 25  A   n 
1 26  G   n 
1 27  A   n 
1 28  U   n 
1 29  A   n 
1 30  A   n 
1 31  A   n 
1 32  U   n 
1 33  G   n 
1 34  G   n 
1 35  A   n 
1 36  G   n 
1 37  U   n 
1 38  C   n 
1 39  U   n 
1 40  G   n 
1 41  U   n 
1 42  G   n 
1 43  C   n 
1 44  G   n 
1 45  U   n 
1 46  C   n 
1 47  C   n 
1 48  A   n 
1 49  C   n 
1 50  A   n 
1 51  G   n 
1 52  A   n 
1 53  A   n 
1 54  U   n 
1 55  U   n 
1 56  C   n 
1 57  G   n 
1 58  C   n 
1 59  A   n 
1 60  C   n 
1 61  C   n 
1 62  A   n 
2 1   PRO n 
2 2   THR n 
2 3   ILE n 
2 4   ASN n 
2 5   GLN n 
2 6   LEU n 
2 7   VAL n 
2 8   ARG n 
2 9   LYS n 
2 10  GLY n 
2 11  ARG n 
2 12  GLU n 
2 13  LYS n 
2 14  VAL n 
2 15  ARG n 
2 16  LYS n 
2 17  LYS n 
2 18  SER n 
2 19  LYS n 
2 20  VAL n 
2 21  PRO n 
2 22  ALA n 
2 23  LEU n 
2 24  LYS n 
2 25  GLY n 
2 26  ALA n 
2 27  PRO n 
2 28  PHE n 
2 29  ARG n 
2 30  ARG n 
2 31  GLY n 
2 32  VAL n 
2 33  CYS n 
2 34  THR n 
2 35  VAL n 
2 36  VAL n 
2 37  ARG n 
2 38  THR n 
2 39  VAL n 
2 40  THR n 
2 41  PRO n 
2 42  LYS n 
2 43  LYS n 
2 44  PRO n 
2 45  ASN n 
2 46  SER n 
2 47  ALA n 
2 48  LEU n 
2 49  ARG n 
2 50  LYS n 
2 51  VAL n 
2 52  ALA n 
2 53  LYS n 
2 54  VAL n 
2 55  ARG n 
2 56  LEU n 
2 57  THR n 
2 58  SER n 
2 59  GLY n 
2 60  TYR n 
2 61  GLU n 
2 62  VAL n 
2 63  THR n 
2 64  ALA n 
2 65  TYR n 
2 66  ILE n 
2 67  PRO n 
2 68  GLY n 
2 69  GLU n 
2 70  GLY n 
2 71  HIS n 
2 72  ASN n 
2 73  LEU n 
2 74  GLN n 
2 75  GLU n 
2 76  HIS n 
2 77  SER n 
2 78  VAL n 
2 79  VAL n 
2 80  LEU n 
2 81  ILE n 
2 82  ARG n 
2 83  GLY n 
2 84  GLY n 
2 85  ARG n 
2 86  VAL n 
2 87  LYS n 
2 88  ASP n 
2 89  LEU n 
2 90  PRO n 
2 91  GLY n 
2 92  VAL n 
2 93  ARG n 
2 94  TYR n 
2 95  HIS n 
2 96  ILE n 
2 97  VAL n 
2 98  ARG n 
2 99  GLY n 
2 100 VAL n 
2 101 TYR n 
2 102 ASP n 
2 103 ALA n 
2 104 ALA n 
2 105 GLY n 
2 106 VAL n 
2 107 LYS n 
2 108 ASP n 
2 109 ARG n 
2 110 LYS n 
2 111 LYS n 
2 112 SER n 
2 113 ARG n 
2 114 SER n 
2 115 LYS n 
2 116 TYR n 
2 117 GLY n 
2 118 THR n 
2 119 LYS n 
2 120 LYS n 
2 121 PRO n 
2 122 LYS n 
2 123 GLU n 
2 124 ALA n 
3 1   GLN n 
3 2   ILE n 
3 3   LYS n 
3 4   LEU n 
3 5   GLN n 
3 6   LEU n 
3 7   PRO n 
3 8   ALA n 
3 9   GLY n 
3 10  LYS n 
3 11  ALA n 
3 12  THR n 
3 13  PRO n 
3 14  ALA n 
3 15  PRO n 
3 16  PRO n 
3 17  VAL n 
3 18  GLY n 
3 19  PRO n 
3 20  ALA n 
3 21  LEU n 
3 22  GLY n 
3 23  GLN n 
3 24  HIS n 
3 25  GLY n 
3 26  VAL n 
3 27  ASN n 
3 28  ILE n 
3 29  MET n 
3 30  GLU n 
3 31  PHE n 
3 32  CYS n 
3 33  LYS n 
3 34  ARG n 
3 35  PHE n 
3 36  ASN n 
3 37  ALA n 
3 38  GLU n 
3 39  THR n 
3 40  ALA n 
3 41  ASP n 
3 42  LYS n 
3 43  ALA n 
3 44  GLY n 
3 45  MET n 
3 46  ILE n 
3 47  LEU n 
3 48  PRO n 
3 49  VAL n 
3 50  VAL n 
3 51  ILE n 
3 52  THR n 
3 53  VAL n 
3 54  TYR n 
3 55  GLU n 
3 56  ASP n 
3 57  LYS n 
3 58  SER n 
3 59  PHE n 
3 60  THR n 
3 61  PHE n 
3 62  ILE n 
3 63  ILE n 
3 64  LYS n 
3 65  THR n 
3 66  PRO n 
3 67  PRO n 
3 68  ALA n 
3 69  SER n 
3 70  PHE n 
3 71  LEU n 
3 72  LEU n 
3 73  LYS n 
3 74  LYS n 
3 75  ALA n 
3 76  ALA n 
3 77  GLY n 
3 78  ILE n 
3 79  GLU n 
3 80  LYS n 
3 81  GLY n 
3 82  SER n 
3 83  SER n 
3 84  GLU n 
3 85  PRO n 
3 86  LYS n 
3 87  ARG n 
3 88  LYS n 
3 89  ILE n 
3 90  VAL n 
3 91  GLY n 
3 92  LYS n 
3 93  VAL n 
3 94  THR n 
3 95  ARG n 
3 96  LYS n 
3 97  GLN n 
3 98  ILE n 
3 99  GLU n 
3 100 GLU n 
3 101 ILE n 
3 102 ALA n 
3 103 LYS n 
3 104 THR n 
3 105 LYS n 
3 106 MET n 
3 107 PRO n 
3 108 ASP n 
3 109 LEU n 
3 110 ASN n 
3 111 ALA n 
3 112 ASN n 
3 113 SER n 
3 114 LEU n 
3 115 GLU n 
3 116 ALA n 
3 117 ALA n 
3 118 MET n 
3 119 LYS n 
3 120 ILE n 
3 121 ILE n 
3 122 GLU n 
3 123 GLY n 
3 124 THR n 
3 125 ALA n 
3 126 LYS n 
3 127 SER n 
3 128 MET n 
3 129 GLY n 
3 130 ILE n 
3 131 GLU n 
3 132 VAL n 
3 133 VAL n 
# 
loop_
_entity_src_nat.entity_id 
_entity_src_nat.pdbx_src_id 
_entity_src_nat.pdbx_alt_source_flag 
_entity_src_nat.pdbx_beg_seq_num 
_entity_src_nat.pdbx_end_seq_num 
_entity_src_nat.common_name 
_entity_src_nat.pdbx_organism_scientific 
_entity_src_nat.pdbx_ncbi_taxonomy_id 
_entity_src_nat.genus 
_entity_src_nat.species 
_entity_src_nat.strain 
_entity_src_nat.tissue 
_entity_src_nat.tissue_fraction 
_entity_src_nat.pdbx_secretion 
_entity_src_nat.pdbx_fragment 
_entity_src_nat.pdbx_variant 
_entity_src_nat.pdbx_cell_line 
_entity_src_nat.pdbx_atcc 
_entity_src_nat.pdbx_cellular_location 
_entity_src_nat.pdbx_organ 
_entity_src_nat.pdbx_organelle 
_entity_src_nat.pdbx_cell 
_entity_src_nat.pdbx_plasmid_name 
_entity_src_nat.pdbx_plasmid_details 
_entity_src_nat.details 
2 1 sample ? ? ? 'Thermus thermophilus' 274  Thermus    ? ? ? ? ? ? ? ? ? ? ? ? ? ? ? ? 
3 1 sample ? ? ? 'Thermotoga maritima'  2336 Thermotoga ? ? ? ? ? ? ? ? ? ? ? ? ? ? ? ? 
# 
loop_
_chem_comp.id 
_chem_comp.type 
_chem_comp.mon_nstd_flag 
_chem_comp.name 
_chem_comp.pdbx_synonyms 
_chem_comp.formula 
_chem_comp.formula_weight 
A   'RNA linking'       y "ADENOSINE-5'-MONOPHOSPHATE" ? 'C10 H14 N5 O7 P' 347.221 
ALA 'L-peptide linking' y ALANINE                      ? 'C3 H7 N O2'      89.093  
ARG 'L-peptide linking' y ARGININE                     ? 'C6 H15 N4 O2 1'  175.209 
ASN 'L-peptide linking' y ASPARAGINE                   ? 'C4 H8 N2 O3'     132.118 
ASP 'L-peptide linking' y 'ASPARTIC ACID'              ? 'C4 H7 N O4'      133.103 
C   'RNA linking'       y "CYTIDINE-5'-MONOPHOSPHATE"  ? 'C9 H14 N3 O8 P'  323.197 
CYS 'L-peptide linking' y CYSTEINE                     ? 'C3 H7 N O2 S'    121.158 
G   'RNA linking'       y "GUANOSINE-5'-MONOPHOSPHATE" ? 'C10 H14 N5 O8 P' 363.221 
GLN 'L-peptide linking' y GLUTAMINE                    ? 'C5 H10 N2 O3'    146.144 
GLU 'L-peptide linking' y 'GLUTAMIC ACID'              ? 'C5 H9 N O4'      147.129 
GLY 'peptide linking'   y GLYCINE                      ? 'C2 H5 N O2'      75.067  
HIS 'L-peptide linking' y HISTIDINE                    ? 'C6 H10 N3 O2 1'  156.162 
ILE 'L-peptide linking' y ISOLEUCINE                   ? 'C6 H13 N O2'     131.173 
LEU 'L-peptide linking' y LEUCINE                      ? 'C6 H13 N O2'     131.173 
LYS 'L-peptide linking' y LYSINE                       ? 'C6 H15 N2 O2 1'  147.195 
MET 'L-peptide linking' y METHIONINE                   ? 'C5 H11 N O2 S'   149.211 
PHE 'L-peptide linking' y PHENYLALANINE                ? 'C9 H11 N O2'     165.189 
PRO 'L-peptide linking' y PROLINE                      ? 'C5 H9 N O2'      115.130 
SER 'L-peptide linking' y SERINE                       ? 'C3 H7 N O3'      105.093 
THR 'L-peptide linking' y THREONINE                    ? 'C4 H9 N O3'      119.119 
TYR 'L-peptide linking' y TYROSINE                     ? 'C9 H11 N O3'     181.189 
U   'RNA linking'       y "URIDINE-5'-MONOPHOSPHATE"   ? 'C9 H13 N2 O9 P'  324.181 
VAL 'L-peptide linking' y VALINE                       ? 'C5 H11 N O2'     117.146 
# 
loop_
_pdbx_poly_seq_scheme.asym_id 
_pdbx_poly_seq_scheme.entity_id 
_pdbx_poly_seq_scheme.seq_id 
_pdbx_poly_seq_scheme.mon_id 
_pdbx_poly_seq_scheme.ndb_seq_num 
_pdbx_poly_seq_scheme.pdb_seq_num 
_pdbx_poly_seq_scheme.auth_seq_num 
_pdbx_poly_seq_scheme.pdb_mon_id 
_pdbx_poly_seq_scheme.auth_mon_id 
_pdbx_poly_seq_scheme.pdb_strand_id 
_pdbx_poly_seq_scheme.pdb_ins_code 
_pdbx_poly_seq_scheme.hetero 
A 1 1   G   1   1   1   G   G   C . n 
A 1 2   C   2   2   2   C   C   C . n 
A 1 3   G   3   3   3   G   G   C . n 
A 1 4   G   4   4   4   G   G   C . n 
A 1 5   A   5   5   5   A   A   C . n 
A 1 6   U   6   6   6   U   U   C . n 
A 1 7   U   7   7   7   U   U   C . n 
A 1 8   U   8   8   8   U   U   C . n 
A 1 9   A   9   9   9   A   A   C . n 
A 1 10  C   10  11  11  C   C   C . n 
A 1 11  U   11  12  12  U   U   C . n 
A 1 12  C   12  13  13  C   C   C . n 
A 1 13  A   13  14  14  A   A   C . n 
A 1 14  G   14  15  15  G   G   C . n 
A 1 15  G   15  18  18  G   G   C . n 
A 1 16  G   16  19  19  G   G   C . n 
A 1 17  G   17  20  20  G   G   C . n 
A 1 18  A   18  21  21  A   A   C . n 
A 1 19  G   19  22  22  G   G   C . n 
A 1 20  A   20  23  23  A   A   C . n 
A 1 21  G   21  24  24  G   G   C . n 
A 1 22  C   22  25  25  C   C   C . n 
A 1 23  C   23  27  27  C   C   C . n 
A 1 24  C   24  28  28  C   C   C . n 
A 1 25  A   25  29  29  A   A   C . n 
A 1 26  G   26  30  30  G   G   C . n 
A 1 27  A   27  31  31  A   A   C . n 
A 1 28  U   28  33  33  U   U   C . n 
A 1 29  A   29  35  35  A   A   C . n 
A 1 30  A   30  36  36  A   A   C . n 
A 1 31  A   31  38  38  A   A   C . n 
A 1 32  U   32  41  41  U   U   C . n 
A 1 33  G   33  42  42  G   G   C . n 
A 1 34  G   34  43  43  G   G   C . n 
A 1 35  A   35  44  44  A   A   C . n 
A 1 36  G   36  45  45  G   G   C . n 
A 1 37  U   37  47  47  U   U   C . n 
A 1 38  C   38  48  48  C   C   C . n 
A 1 39  U   39  50  50  U   U   C . n 
A 1 40  G   40  51  51  G   G   C . n 
A 1 41  U   41  52  52  U   U   C . n 
A 1 42  G   42  53  53  G   G   C . n 
A 1 43  C   43  56  56  C   C   C . n 
A 1 44  G   44  57  57  G   G   C . n 
A 1 45  U   45  59  59  U   U   C . n 
A 1 46  C   46  60  60  C   C   C . n 
A 1 47  C   47  61  61  C   C   C . n 
A 1 48  A   48  62  62  A   A   C . n 
A 1 49  C   49  63  63  C   C   C . n 
A 1 50  A   50  64  64  A   A   C . n 
A 1 51  G   51  65  65  G   G   C . n 
A 1 52  A   52  66  66  A   A   C . n 
A 1 53  A   53  67  67  A   A   C . n 
A 1 54  U   54  68  68  U   U   C . n 
A 1 55  U   55  69  69  U   U   C . n 
A 1 56  C   56  70  70  C   C   C . n 
A 1 57  G   57  71  71  G   G   C . n 
A 1 58  C   58  72  72  C   C   C . n 
A 1 59  A   59  73  73  A   A   C . n 
A 1 60  C   60  74  74  C   C   C . n 
A 1 61  C   61  75  75  C   C   C . n 
A 1 62  A   62  76  76  A   A   C . n 
B 2 1   PRO 1   5   5   PRO PRO O . n 
B 2 2   THR 2   6   6   THR THR O . n 
B 2 3   ILE 3   7   7   ILE ILE O . n 
B 2 4   ASN 4   8   8   ASN ASN O . n 
B 2 5   GLN 5   9   9   GLN GLN O . n 
B 2 6   LEU 6   10  10  LEU LEU O . n 
B 2 7   VAL 7   11  11  VAL VAL O . n 
B 2 8   ARG 8   12  12  ARG ARG O . n 
B 2 9   LYS 9   13  13  LYS LYS O . n 
B 2 10  GLY 10  14  14  GLY GLY O . n 
B 2 11  ARG 11  15  15  ARG ARG O . n 
B 2 12  GLU 12  16  16  GLU GLU O . n 
B 2 13  LYS 13  17  17  LYS LYS O . n 
B 2 14  VAL 14  18  18  VAL VAL O . n 
B 2 15  ARG 15  19  19  ARG ARG O . n 
B 2 16  LYS 16  20  20  LYS LYS O . n 
B 2 17  LYS 17  21  21  LYS LYS O . n 
B 2 18  SER 18  22  22  SER SER O . n 
B 2 19  LYS 19  23  23  LYS LYS O . n 
B 2 20  VAL 20  24  24  VAL VAL O . n 
B 2 21  PRO 21  25  25  PRO PRO O . n 
B 2 22  ALA 22  26  26  ALA ALA O . n 
B 2 23  LEU 23  27  27  LEU LEU O . n 
B 2 24  LYS 24  28  28  LYS LYS O . n 
B 2 25  GLY 25  29  29  GLY GLY O . n 
B 2 26  ALA 26  30  30  ALA ALA O . n 
B 2 27  PRO 27  31  31  PRO PRO O . n 
B 2 28  PHE 28  32  32  PHE PHE O . n 
B 2 29  ARG 29  33  33  ARG ARG O . n 
B 2 30  ARG 30  34  34  ARG ARG O . n 
B 2 31  GLY 31  35  35  GLY GLY O . n 
B 2 32  VAL 32  36  36  VAL VAL O . n 
B 2 33  CYS 33  37  37  CYS CYS O . n 
B 2 34  THR 34  38  38  THR THR O . n 
B 2 35  VAL 35  39  39  VAL VAL O . n 
B 2 36  VAL 36  40  40  VAL VAL O . n 
B 2 37  ARG 37  41  41  ARG ARG O . n 
B 2 38  THR 38  42  42  THR THR O . n 
B 2 39  VAL 39  43  43  VAL VAL O . n 
B 2 40  THR 40  44  44  THR THR O . n 
B 2 41  PRO 41  45  45  PRO PRO O . n 
B 2 42  LYS 42  46  46  LYS LYS O . n 
B 2 43  LYS 43  47  47  LYS LYS O . n 
B 2 44  PRO 44  48  48  PRO PRO O . n 
B 2 45  ASN 45  49  49  ASN ASN O . n 
B 2 46  SER 46  50  50  SER SER O . n 
B 2 47  ALA 47  51  51  ALA ALA O . n 
B 2 48  LEU 48  52  52  LEU LEU O . n 
B 2 49  ARG 49  53  53  ARG ARG O . n 
B 2 50  LYS 50  54  54  LYS LYS O . n 
B 2 51  VAL 51  55  55  VAL VAL O . n 
B 2 52  ALA 52  56  56  ALA ALA O . n 
B 2 53  LYS 53  57  57  LYS LYS O . n 
B 2 54  VAL 54  58  58  VAL VAL O . n 
B 2 55  ARG 55  59  59  ARG ARG O . n 
B 2 56  LEU 56  60  60  LEU LEU O . n 
B 2 57  THR 57  61  61  THR THR O . n 
B 2 58  SER 58  62  62  SER SER O . n 
B 2 59  GLY 59  63  63  GLY GLY O . n 
B 2 60  TYR 60  64  64  TYR TYR O . n 
B 2 61  GLU 61  65  65  GLU GLU O . n 
B 2 62  VAL 62  66  66  VAL VAL O . n 
B 2 63  THR 63  67  67  THR THR O . n 
B 2 64  ALA 64  68  68  ALA ALA O . n 
B 2 65  TYR 65  69  69  TYR TYR O . n 
B 2 66  ILE 66  70  70  ILE ILE O . n 
B 2 67  PRO 67  71  71  PRO PRO O . n 
B 2 68  GLY 68  72  72  GLY GLY O . n 
B 2 69  GLU 69  73  73  GLU GLU O . n 
B 2 70  GLY 70  74  74  GLY GLY O . n 
B 2 71  HIS 71  75  75  HIS HIS O . n 
B 2 72  ASN 72  76  76  ASN ASN O . n 
B 2 73  LEU 73  77  77  LEU LEU O . n 
B 2 74  GLN 74  78  78  GLN GLN O . n 
B 2 75  GLU 75  79  79  GLU GLU O . n 
B 2 76  HIS 76  80  80  HIS HIS O . n 
B 2 77  SER 77  81  81  SER SER O . n 
B 2 78  VAL 78  82  82  VAL VAL O . n 
B 2 79  VAL 79  83  83  VAL VAL O . n 
B 2 80  LEU 80  84  84  LEU LEU O . n 
B 2 81  ILE 81  85  85  ILE ILE O . n 
B 2 82  ARG 82  86  86  ARG ARG O . n 
B 2 83  GLY 83  87  87  GLY GLY O . n 
B 2 84  GLY 84  88  88  GLY GLY O . n 
B 2 85  ARG 85  89  89  ARG ARG O . n 
B 2 86  VAL 86  90  90  VAL VAL O . n 
B 2 87  LYS 87  91  91  LYS LYS O . n 
B 2 88  ASP 88  92  92  ASP ASP O . n 
B 2 89  LEU 89  93  93  LEU LEU O . n 
B 2 90  PRO 90  94  94  PRO PRO O . n 
B 2 91  GLY 91  95  95  GLY GLY O . n 
B 2 92  VAL 92  96  96  VAL VAL O . n 
B 2 93  ARG 93  97  97  ARG ARG O . n 
B 2 94  TYR 94  98  98  TYR TYR O . n 
B 2 95  HIS 95  99  99  HIS HIS O . n 
B 2 96  ILE 96  100 100 ILE ILE O . n 
B 2 97  VAL 97  101 101 VAL VAL O . n 
B 2 98  ARG 98  102 102 ARG ARG O . n 
B 2 99  GLY 99  103 103 GLY GLY O . n 
B 2 100 VAL 100 104 104 VAL VAL O . n 
B 2 101 TYR 101 105 105 TYR TYR O . n 
B 2 102 ASP 102 106 106 ASP ASP O . n 
B 2 103 ALA 103 107 107 ALA ALA O . n 
B 2 104 ALA 104 108 108 ALA ALA O . n 
B 2 105 GLY 105 109 109 GLY GLY O . n 
B 2 106 VAL 106 110 110 VAL VAL O . n 
B 2 107 LYS 107 111 111 LYS LYS O . n 
B 2 108 ASP 108 112 112 ASP ASP O . n 
B 2 109 ARG 109 113 113 ARG ARG O . n 
B 2 110 LYS 110 114 114 LYS LYS O . n 
B 2 111 LYS 111 115 115 LYS LYS O . n 
B 2 112 SER 112 116 116 SER SER O . n 
B 2 113 ARG 113 117 117 ARG ARG O . n 
B 2 114 SER 114 118 118 SER SER O . n 
B 2 115 LYS 115 119 119 LYS LYS O . n 
B 2 116 TYR 116 120 120 TYR TYR O . n 
B 2 117 GLY 117 121 121 GLY GLY O . n 
B 2 118 THR 118 122 122 THR THR O . n 
B 2 119 LYS 119 123 123 LYS LYS O . n 
B 2 120 LYS 120 124 124 LYS LYS O . n 
B 2 121 PRO 121 125 125 PRO PRO O . n 
B 2 122 LYS 122 126 126 LYS LYS O . n 
B 2 123 GLU 123 127 127 GLU GLU O . n 
B 2 124 ALA 124 128 128 ALA ALA O . n 
C 3 1   GLN 1   8   8   GLN GLN L . n 
C 3 2   ILE 2   9   9   ILE ILE L . n 
C 3 3   LYS 3   10  10  LYS LYS L . n 
C 3 4   LEU 4   11  11  LEU LEU L . n 
C 3 5   GLN 5   12  12  GLN GLN L . n 
C 3 6   LEU 6   13  13  LEU LEU L . n 
C 3 7   PRO 7   14  14  PRO PRO L . n 
C 3 8   ALA 8   15  15  ALA ALA L . n 
C 3 9   GLY 9   16  16  GLY GLY L . n 
C 3 10  LYS 10  17  17  LYS LYS L . n 
C 3 11  ALA 11  18  18  ALA ALA L . n 
C 3 12  THR 12  19  19  THR THR L . n 
C 3 13  PRO 13  20  20  PRO PRO L . n 
C 3 14  ALA 14  21  21  ALA ALA L . n 
C 3 15  PRO 15  22  22  PRO PRO L . n 
C 3 16  PRO 16  23  23  PRO PRO L . n 
C 3 17  VAL 17  24  24  VAL VAL L . n 
C 3 18  GLY 18  25  25  GLY GLY L . n 
C 3 19  PRO 19  26  26  PRO PRO L . n 
C 3 20  ALA 20  27  27  ALA ALA L . n 
C 3 21  LEU 21  28  28  LEU LEU L . n 
C 3 22  GLY 22  29  29  GLY GLY L . n 
C 3 23  GLN 23  30  30  GLN GLN L . n 
C 3 24  HIS 24  31  31  HIS HIS L . n 
C 3 25  GLY 25  32  32  GLY GLY L . n 
C 3 26  VAL 26  33  33  VAL VAL L . n 
C 3 27  ASN 27  34  34  ASN ASN L . n 
C 3 28  ILE 28  35  35  ILE ILE L . n 
C 3 29  MET 29  36  36  MET MET L . n 
C 3 30  GLU 30  37  37  GLU GLU L . n 
C 3 31  PHE 31  38  38  PHE PHE L . n 
C 3 32  CYS 32  39  39  CYS CYS L . n 
C 3 33  LYS 33  40  40  LYS LYS L . n 
C 3 34  ARG 34  41  41  ARG ARG L . n 
C 3 35  PHE 35  42  42  PHE PHE L . n 
C 3 36  ASN 36  43  43  ASN ASN L . n 
C 3 37  ALA 37  44  44  ALA ALA L . n 
C 3 38  GLU 38  45  45  GLU GLU L . n 
C 3 39  THR 39  46  46  THR THR L . n 
C 3 40  ALA 40  47  47  ALA ALA L . n 
C 3 41  ASP 41  48  48  ASP ASP L . n 
C 3 42  LYS 42  49  49  LYS LYS L . n 
C 3 43  ALA 43  50  50  ALA ALA L . n 
C 3 44  GLY 44  51  51  GLY GLY L . n 
C 3 45  MET 45  52  52  MET MET L . n 
C 3 46  ILE 46  53  53  ILE ILE L . n 
C 3 47  LEU 47  54  54  LEU LEU L . n 
C 3 48  PRO 48  55  55  PRO PRO L . n 
C 3 49  VAL 49  56  56  VAL VAL L . n 
C 3 50  VAL 50  57  57  VAL VAL L . n 
C 3 51  ILE 51  58  58  ILE ILE L . n 
C 3 52  THR 52  59  59  THR THR L . n 
C 3 53  VAL 53  60  60  VAL VAL L . n 
C 3 54  TYR 54  61  61  TYR TYR L . n 
C 3 55  GLU 55  62  62  GLU GLU L . n 
C 3 56  ASP 56  63  63  ASP ASP L . n 
C 3 57  LYS 57  64  64  LYS LYS L . n 
C 3 58  SER 58  65  65  SER SER L . n 
C 3 59  PHE 59  66  66  PHE PHE L . n 
C 3 60  THR 60  67  67  THR THR L . n 
C 3 61  PHE 61  68  68  PHE PHE L . n 
C 3 62  ILE 62  69  69  ILE ILE L . n 
C 3 63  ILE 63  70  70  ILE ILE L . n 
C 3 64  LYS 64  71  71  LYS LYS L . n 
C 3 65  THR 65  72  72  THR THR L . n 
C 3 66  PRO 66  73  73  PRO PRO L . n 
C 3 67  PRO 67  74  74  PRO PRO L . n 
C 3 68  ALA 68  75  75  ALA ALA L . n 
C 3 69  SER 69  76  76  SER SER L . n 
C 3 70  PHE 70  77  77  PHE PHE L . n 
C 3 71  LEU 71  78  78  LEU LEU L . n 
C 3 72  LEU 72  79  79  LEU LEU L . n 
C 3 73  LYS 73  80  80  LYS LYS L . n 
C 3 74  LYS 74  81  81  LYS LYS L . n 
C 3 75  ALA 75  82  82  ALA ALA L . n 
C 3 76  ALA 76  83  83  ALA ALA L . n 
C 3 77  GLY 77  84  84  GLY GLY L . n 
C 3 78  ILE 78  85  85  ILE ILE L . n 
C 3 79  GLU 79  86  86  GLU GLU L . n 
C 3 80  LYS 80  87  87  LYS LYS L . n 
C 3 81  GLY 81  88  88  GLY GLY L . n 
C 3 82  SER 82  89  89  SER SER L . n 
C 3 83  SER 83  90  90  SER SER L . n 
C 3 84  GLU 84  91  91  GLU GLU L . n 
C 3 85  PRO 85  92  92  PRO PRO L . n 
C 3 86  LYS 86  93  93  LYS LYS L . n 
C 3 87  ARG 87  94  94  ARG ARG L . n 
C 3 88  LYS 88  95  95  LYS LYS L . n 
C 3 89  ILE 89  96  96  ILE ILE L . n 
C 3 90  VAL 90  97  97  VAL VAL L . n 
C 3 91  GLY 91  98  98  GLY GLY L . n 
C 3 92  LYS 92  99  99  LYS LYS L . n 
C 3 93  VAL 93  100 100 VAL VAL L . n 
C 3 94  THR 94  101 101 THR THR L . n 
C 3 95  ARG 95  102 102 ARG ARG L . n 
C 3 96  LYS 96  103 103 LYS LYS L . n 
C 3 97  GLN 97  104 104 GLN GLN L . n 
C 3 98  ILE 98  105 105 ILE ILE L . n 
C 3 99  GLU 99  106 106 GLU GLU L . n 
C 3 100 GLU 100 107 107 GLU GLU L . n 
C 3 101 ILE 101 108 108 ILE ILE L . n 
C 3 102 ALA 102 109 109 ALA ALA L . n 
C 3 103 LYS 103 110 110 LYS LYS L . n 
C 3 104 THR 104 111 111 THR THR L . n 
C 3 105 LYS 105 112 112 LYS LYS L . n 
C 3 106 MET 106 113 113 MET MET L . n 
C 3 107 PRO 107 114 114 PRO PRO L . n 
C 3 108 ASP 108 115 115 ASP ASP L . n 
C 3 109 LEU 109 116 116 LEU LEU L . n 
C 3 110 ASN 110 117 117 ASN ASN L . n 
C 3 111 ALA 111 118 118 ALA ALA L . n 
C 3 112 ASN 112 119 119 ASN ASN L . n 
C 3 113 SER 113 120 120 SER SER L . n 
C 3 114 LEU 114 121 121 LEU LEU L . n 
C 3 115 GLU 115 122 122 GLU GLU L . n 
C 3 116 ALA 116 123 123 ALA ALA L . n 
C 3 117 ALA 117 124 124 ALA ALA L . n 
C 3 118 MET 118 125 125 MET MET L . n 
C 3 119 LYS 119 126 126 LYS LYS L . n 
C 3 120 ILE 120 127 127 ILE ILE L . n 
C 3 121 ILE 121 128 128 ILE ILE L . n 
C 3 122 GLU 122 129 129 GLU GLU L . n 
C 3 123 GLY 123 130 130 GLY GLY L . n 
C 3 124 THR 124 131 131 THR THR L . n 
C 3 125 ALA 125 132 132 ALA ALA L . n 
C 3 126 LYS 126 133 133 LYS LYS L . n 
C 3 127 SER 127 134 134 SER SER L . n 
C 3 128 MET 128 135 135 MET MET L . n 
C 3 129 GLY 129 136 136 GLY GLY L . n 
C 3 130 ILE 130 137 137 ILE ILE L . n 
C 3 131 GLU 131 138 138 GLU GLU L . n 
C 3 132 VAL 132 139 139 VAL VAL L . n 
C 3 133 VAL 133 140 140 VAL VAL L . n 
# 
_cell.entry_id           1PN7 
_cell.length_a           1 
_cell.length_b           1 
_cell.length_c           1 
_cell.angle_alpha        90 
_cell.angle_beta         90 
_cell.angle_gamma        90 
_cell.pdbx_unique_axis   ? 
_cell.Z_PDB              1 
_cell.length_a_esd       ? 
_cell.length_b_esd       ? 
_cell.length_c_esd       ? 
_cell.angle_alpha_esd    ? 
_cell.angle_beta_esd     ? 
_cell.angle_gamma_esd    ? 
# 
_symmetry.entry_id                         1PN7 
_symmetry.space_group_name_H-M             'P 1' 
_symmetry.pdbx_full_space_group_name_H-M   ? 
_symmetry.Int_Tables_number                1 
_symmetry.cell_setting                     ? 
# 
_exptl.entry_id          1PN7 
_exptl.method            'ELECTRON MICROSCOPY' 
_exptl.crystals_number   ? 
# 
_refine_hist.pdbx_refine_id                   'ELECTRON MICROSCOPY' 
_refine_hist.cycle_id                         LAST 
_refine_hist.pdbx_number_atoms_protein        257 
_refine_hist.pdbx_number_atoms_nucleic_acid   62 
_refine_hist.pdbx_number_atoms_ligand         0 
_refine_hist.number_atoms_solvent             0 
_refine_hist.number_atoms_total               319 
_refine_hist.d_res_high                       . 
_refine_hist.d_res_low                        . 
# 
_struct.entry_id                  1PN7 
_struct.title                     
'Coordinates of S12, L11 proteins and P-tRNA, from the 70S X-ray structure aligned to the 70S Cryo-EM map of E.coli ribosome' 
_struct.pdbx_model_details        ? 
_struct.pdbx_CASP_flag            ? 
_struct.pdbx_model_type_details   ? 
# 
_struct_keywords.entry_id        1PN7 
_struct_keywords.pdbx_keywords   'RNA binding protein/RNA' 
_struct_keywords.text            'ribosomal protein, tRNA binding protein, tRNA, RNA binding protein-RNA COMPLEX' 
# 
loop_
_struct_asym.id 
_struct_asym.pdbx_blank_PDB_chainid_flag 
_struct_asym.pdbx_modified 
_struct_asym.entity_id 
_struct_asym.details 
A N N 1 ? 
B N N 2 ? 
C N N 3 ? 
# 
loop_
_struct_ref.id 
_struct_ref.db_name 
_struct_ref.db_code 
_struct_ref.pdbx_db_accession 
_struct_ref.entity_id 
_struct_ref.pdbx_seq_one_letter_code 
_struct_ref.pdbx_align_begin 
_struct_ref.pdbx_db_isoform 
1 UNP RS12_THET8 Q5SHN3 2 
;PTINQLVRKGREKVRKKSKVPALKGAPFRRGVCTVVRTVTPKKPNSALRKVAKVRLTSGYEVTAYIPGEGHNLQEHSVVL
IRGGRVKDLPGVRYHIVRGVYDAAGVKDRKKSRSKYGTKKPKEA
;
1 ? 
2 UNP RL11_THEMA P29395 3 
;QIKLQLPAGKATPAPPVGPALGQHGVNIMEFCKRFNAETADKAGMILPVVITVYEDKSFTFIIKTPPASFLLKKAAGIEK
GSSEPKRKIVGKVTRKQIEEIAKTKMPDLNANSLEAAMKIIEGTAKSMGIEVV
;
7 ? 
3 PDB 1PN7       1PN7   1 ? ? ? 
# 
loop_
_struct_ref_seq.align_id 
_struct_ref_seq.ref_id 
_struct_ref_seq.pdbx_PDB_id_code 
_struct_ref_seq.pdbx_strand_id 
_struct_ref_seq.seq_align_beg 
_struct_ref_seq.pdbx_seq_align_beg_ins_code 
_struct_ref_seq.seq_align_end 
_struct_ref_seq.pdbx_seq_align_end_ins_code 
_struct_ref_seq.pdbx_db_accession 
_struct_ref_seq.db_align_beg 
_struct_ref_seq.pdbx_db_align_beg_ins_code 
_struct_ref_seq.db_align_end 
_struct_ref_seq.pdbx_db_align_end_ins_code 
_struct_ref_seq.pdbx_auth_seq_align_beg 
_struct_ref_seq.pdbx_auth_seq_align_end 
1 1 1PN7 O 1 ? 124 ? Q5SHN3 1 ? 124 ? 5 128 
2 2 1PN7 L 1 ? 133 ? P29395 7 ? 139 ? 8 140 
3 3 1PN7 C 1 ? 62  ? 1PN7   1 ? 76  ? 1 76  
# 
_pdbx_struct_assembly.id                   1 
_pdbx_struct_assembly.details              author_defined_assembly 
_pdbx_struct_assembly.method_details       ? 
_pdbx_struct_assembly.oligomeric_details   trimeric 
_pdbx_struct_assembly.oligomeric_count     3 
# 
_pdbx_struct_assembly_gen.assembly_id       1 
_pdbx_struct_assembly_gen.oper_expression   1 
_pdbx_struct_assembly_gen.asym_id_list      A,B,C 
# 
_pdbx_struct_oper_list.id                   1 
_pdbx_struct_oper_list.type                 'identity operation' 
_pdbx_struct_oper_list.name                 1_555 
_pdbx_struct_oper_list.symmetry_operation   x,y,z 
_pdbx_struct_oper_list.matrix[1][1]         1.0000000000 
_pdbx_struct_oper_list.matrix[1][2]         0.0000000000 
_pdbx_struct_oper_list.matrix[1][3]         0.0000000000 
_pdbx_struct_oper_list.vector[1]            0.0000000000 
_pdbx_struct_oper_list.matrix[2][1]         0.0000000000 
_pdbx_struct_oper_list.matrix[2][2]         1.0000000000 
_pdbx_struct_oper_list.matrix[2][3]         0.0000000000 
_pdbx_struct_oper_list.vector[2]            0.0000000000 
_pdbx_struct_oper_list.matrix[3][1]         0.0000000000 
_pdbx_struct_oper_list.matrix[3][2]         0.0000000000 
_pdbx_struct_oper_list.matrix[3][3]         1.0000000000 
_pdbx_struct_oper_list.vector[3]            0.0000000000 
# 
_pdbx_database_remark.id     999 
_pdbx_database_remark.text   'The structure contains C alpha atoms only' 
# 
_em_3d_fitting.id                1 
_em_3d_fitting.entry_id          1PN7 
_em_3d_fitting.ref_protocol      OTHER 
_em_3d_fitting.ref_space         REAL 
_em_3d_fitting.overall_b_value   ? 
_em_3d_fitting.target_criteria   ? 
_em_3d_fitting.details           'METHOD--Manual fitting in O' 
_em_3d_fitting.method            ? 
# 
loop_
_em_3d_fitting_list.3d_fitting_id 
_em_3d_fitting_list.id 
_em_3d_fitting_list.pdb_entry_id 
_em_3d_fitting_list.pdb_chain_id 
_em_3d_fitting_list.details 
_em_3d_fitting_list.initial_refinement_model_id 
_em_3d_fitting_list.chain_id 
_em_3d_fitting_list.chain_residue_range 
_em_3d_fitting_list.pdb_chain_residue_range 
_em_3d_fitting_list.source_name 
_em_3d_fitting_list.type 
_em_3d_fitting_list.accession_code 
1 1 1GIX ? ? 1 ? ? ? PDB 'experimental model' 1GIX 
1 2 1GIY ? ? 2 ? ? ? PDB 'experimental model' 1GIY 
# 
_em_3d_reconstruction.entry_id                    1PN7 
_em_3d_reconstruction.id                          1 
_em_3d_reconstruction.symmetry_type               POINT 
_em_3d_reconstruction.image_processing_id         1 
_em_3d_reconstruction.method                      '3D projection matching; conjugate gradients with regularization' 
_em_3d_reconstruction.nominal_pixel_size          ? 
_em_3d_reconstruction.actual_pixel_size           2.82 
_em_3d_reconstruction.resolution                  10.8 
_em_3d_reconstruction.magnification_calibration   TMV 
_em_3d_reconstruction.details                     'SPIDER package. Crystal Structure of Thermus Thermophilus 70S ribosome' 
_em_3d_reconstruction.resolution_method           ? 
_em_3d_reconstruction.num_class_averages          ? 
_em_3d_reconstruction.num_particles               ? 
_em_3d_reconstruction.algorithm                   ? 
# 
_em_buffer.id            1 
_em_buffer.specimen_id   1 
_em_buffer.name          ? 
_em_buffer.pH            7.5 
_em_buffer.details       ? 
# 
loop_
_em_entity_assembly.id 
_em_entity_assembly.name 
_em_entity_assembly.type 
_em_entity_assembly.parent_id 
_em_entity_assembly.synonym 
_em_entity_assembly.details 
_em_entity_assembly.oligomeric_details 
1 'E.coli 70S ribosome'       RIBOSOME 0 ? ? ? 
2 P-tRNA                      ?        1 ? ? ? 
3 '30S ribosomal protein S12' ?        1 ? ? ? 
4 '50S ribosomal protein L11' ?        1 ? ? ? 
# 
_em_imaging.entry_id                        1PN7 
_em_imaging.id                              1 
_em_imaging.specimen_id                     1 
_em_imaging.date                            2001-06-01 
_em_imaging.temperature                     93 
_em_imaging.microscope_model                'FEI TECNAI F20' 
_em_imaging.nominal_defocus_min             1500. 
_em_imaging.nominal_defocus_max             4000. 
_em_imaging.tilt_angle_min                  0 
_em_imaging.tilt_angle_max                  0 
_em_imaging.nominal_cs                      2.0 
_em_imaging.mode                            'BRIGHT FIELD' 
_em_imaging.illumination_mode               'FLOOD BEAM' 
_em_imaging.nominal_magnification           50000 
_em_imaging.calibrated_magnification        49696 
_em_imaging.electron_source                 'FIELD EMISSION GUN' 
_em_imaging.accelerating_voltage            200 
_em_imaging.details                         ? 
_em_imaging.specimen_holder_type            ? 
_em_imaging.specimen_holder_model           ? 
_em_imaging.citation_id                     ? 
_em_imaging.detector_distance               ? 
_em_imaging.recording_temperature_maximum   ? 
_em_imaging.recording_temperature_minimum   ? 
_em_imaging.astigmatism                     ? 
_em_imaging.electron_beam_tilt_params       ? 
# 
_em_sample_support.id               1 
_em_sample_support.specimen_id      1 
_em_sample_support.details          'Quantifoil holley-carbon film grids' 
_em_sample_support.film_material    ? 
_em_sample_support.grid_material    ? 
_em_sample_support.grid_mesh_size   ? 
_em_sample_support.grid_type        ? 
_em_sample_support.method           ? 
# 
_em_vitrification.entry_id              1PN7 
_em_vitrification.id                    1 
_em_vitrification.cryogen_name          ETHANE 
_em_vitrification.details               'Rapid-freezing in liquid ethane' 
_em_vitrification.citation_id           ? 
_em_vitrification.humidity              ? 
_em_vitrification.instrument            ? 
_em_vitrification.method                ? 
_em_vitrification.specimen_id           1 
_em_vitrification.temp                  ? 
_em_vitrification.time_resolved_state   ? 
# 
_em_experiment.entry_id                1PN7 
_em_experiment.id                      1 
_em_experiment.aggregation_state       PARTICLE 
_em_experiment.entity_assembly_id      1 
_em_experiment.reconstruction_method   'SINGLE PARTICLE' 
# 
_em_single_particle_entity.entry_id              1PN7 
_em_single_particle_entity.id                    1 
_em_single_particle_entity.point_symmetry        C1 
_em_single_particle_entity.image_processing_id   1 
# 
loop_
_chem_comp_atom.comp_id 
_chem_comp_atom.atom_id 
_chem_comp_atom.type_symbol 
_chem_comp_atom.pdbx_aromatic_flag 
_chem_comp_atom.pdbx_stereo_config 
_chem_comp_atom.pdbx_ordinal 
A   OP3    O N N 1   
A   P      P N N 2   
A   OP1    O N N 3   
A   OP2    O N N 4   
A   "O5'"  O N N 5   
A   "C5'"  C N N 6   
A   "C4'"  C N R 7   
A   "O4'"  O N N 8   
A   "C3'"  C N S 9   
A   "O3'"  O N N 10  
A   "C2'"  C N R 11  
A   "O2'"  O N N 12  
A   "C1'"  C N R 13  
A   N9     N Y N 14  
A   C8     C Y N 15  
A   N7     N Y N 16  
A   C5     C Y N 17  
A   C6     C Y N 18  
A   N6     N N N 19  
A   N1     N Y N 20  
A   C2     C Y N 21  
A   N3     N Y N 22  
A   C4     C Y N 23  
A   HOP3   H N N 24  
A   HOP2   H N N 25  
A   "H5'"  H N N 26  
A   "H5''" H N N 27  
A   "H4'"  H N N 28  
A   "H3'"  H N N 29  
A   "HO3'" H N N 30  
A   "H2'"  H N N 31  
A   "HO2'" H N N 32  
A   "H1'"  H N N 33  
A   H8     H N N 34  
A   H61    H N N 35  
A   H62    H N N 36  
A   H2     H N N 37  
ALA N      N N N 38  
ALA CA     C N S 39  
ALA C      C N N 40  
ALA O      O N N 41  
ALA CB     C N N 42  
ALA OXT    O N N 43  
ALA H      H N N 44  
ALA H2     H N N 45  
ALA HA     H N N 46  
ALA HB1    H N N 47  
ALA HB2    H N N 48  
ALA HB3    H N N 49  
ALA HXT    H N N 50  
ARG N      N N N 51  
ARG CA     C N S 52  
ARG C      C N N 53  
ARG O      O N N 54  
ARG CB     C N N 55  
ARG CG     C N N 56  
ARG CD     C N N 57  
ARG NE     N N N 58  
ARG CZ     C N N 59  
ARG NH1    N N N 60  
ARG NH2    N N N 61  
ARG OXT    O N N 62  
ARG H      H N N 63  
ARG H2     H N N 64  
ARG HA     H N N 65  
ARG HB2    H N N 66  
ARG HB3    H N N 67  
ARG HG2    H N N 68  
ARG HG3    H N N 69  
ARG HD2    H N N 70  
ARG HD3    H N N 71  
ARG HE     H N N 72  
ARG HH11   H N N 73  
ARG HH12   H N N 74  
ARG HH21   H N N 75  
ARG HH22   H N N 76  
ARG HXT    H N N 77  
ASN N      N N N 78  
ASN CA     C N S 79  
ASN C      C N N 80  
ASN O      O N N 81  
ASN CB     C N N 82  
ASN CG     C N N 83  
ASN OD1    O N N 84  
ASN ND2    N N N 85  
ASN OXT    O N N 86  
ASN H      H N N 87  
ASN H2     H N N 88  
ASN HA     H N N 89  
ASN HB2    H N N 90  
ASN HB3    H N N 91  
ASN HD21   H N N 92  
ASN HD22   H N N 93  
ASN HXT    H N N 94  
ASP N      N N N 95  
ASP CA     C N S 96  
ASP C      C N N 97  
ASP O      O N N 98  
ASP CB     C N N 99  
ASP CG     C N N 100 
ASP OD1    O N N 101 
ASP OD2    O N N 102 
ASP OXT    O N N 103 
ASP H      H N N 104 
ASP H2     H N N 105 
ASP HA     H N N 106 
ASP HB2    H N N 107 
ASP HB3    H N N 108 
ASP HD2    H N N 109 
ASP HXT    H N N 110 
C   OP3    O N N 111 
C   P      P N N 112 
C   OP1    O N N 113 
C   OP2    O N N 114 
C   "O5'"  O N N 115 
C   "C5'"  C N N 116 
C   "C4'"  C N R 117 
C   "O4'"  O N N 118 
C   "C3'"  C N S 119 
C   "O3'"  O N N 120 
C   "C2'"  C N R 121 
C   "O2'"  O N N 122 
C   "C1'"  C N R 123 
C   N1     N N N 124 
C   C2     C N N 125 
C   O2     O N N 126 
C   N3     N N N 127 
C   C4     C N N 128 
C   N4     N N N 129 
C   C5     C N N 130 
C   C6     C N N 131 
C   HOP3   H N N 132 
C   HOP2   H N N 133 
C   "H5'"  H N N 134 
C   "H5''" H N N 135 
C   "H4'"  H N N 136 
C   "H3'"  H N N 137 
C   "HO3'" H N N 138 
C   "H2'"  H N N 139 
C   "HO2'" H N N 140 
C   "H1'"  H N N 141 
C   H41    H N N 142 
C   H42    H N N 143 
C   H5     H N N 144 
C   H6     H N N 145 
CYS N      N N N 146 
CYS CA     C N R 147 
CYS C      C N N 148 
CYS O      O N N 149 
CYS CB     C N N 150 
CYS SG     S N N 151 
CYS OXT    O N N 152 
CYS H      H N N 153 
CYS H2     H N N 154 
CYS HA     H N N 155 
CYS HB2    H N N 156 
CYS HB3    H N N 157 
CYS HG     H N N 158 
CYS HXT    H N N 159 
G   OP3    O N N 160 
G   P      P N N 161 
G   OP1    O N N 162 
G   OP2    O N N 163 
G   "O5'"  O N N 164 
G   "C5'"  C N N 165 
G   "C4'"  C N R 166 
G   "O4'"  O N N 167 
G   "C3'"  C N S 168 
G   "O3'"  O N N 169 
G   "C2'"  C N R 170 
G   "O2'"  O N N 171 
G   "C1'"  C N R 172 
G   N9     N Y N 173 
G   C8     C Y N 174 
G   N7     N Y N 175 
G   C5     C Y N 176 
G   C6     C N N 177 
G   O6     O N N 178 
G   N1     N N N 179 
G   C2     C N N 180 
G   N2     N N N 181 
G   N3     N N N 182 
G   C4     C Y N 183 
G   HOP3   H N N 184 
G   HOP2   H N N 185 
G   "H5'"  H N N 186 
G   "H5''" H N N 187 
G   "H4'"  H N N 188 
G   "H3'"  H N N 189 
G   "HO3'" H N N 190 
G   "H2'"  H N N 191 
G   "HO2'" H N N 192 
G   "H1'"  H N N 193 
G   H8     H N N 194 
G   H1     H N N 195 
G   H21    H N N 196 
G   H22    H N N 197 
GLN N      N N N 198 
GLN CA     C N S 199 
GLN C      C N N 200 
GLN O      O N N 201 
GLN CB     C N N 202 
GLN CG     C N N 203 
GLN CD     C N N 204 
GLN OE1    O N N 205 
GLN NE2    N N N 206 
GLN OXT    O N N 207 
GLN H      H N N 208 
GLN H2     H N N 209 
GLN HA     H N N 210 
GLN HB2    H N N 211 
GLN HB3    H N N 212 
GLN HG2    H N N 213 
GLN HG3    H N N 214 
GLN HE21   H N N 215 
GLN HE22   H N N 216 
GLN HXT    H N N 217 
GLU N      N N N 218 
GLU CA     C N S 219 
GLU C      C N N 220 
GLU O      O N N 221 
GLU CB     C N N 222 
GLU CG     C N N 223 
GLU CD     C N N 224 
GLU OE1    O N N 225 
GLU OE2    O N N 226 
GLU OXT    O N N 227 
GLU H      H N N 228 
GLU H2     H N N 229 
GLU HA     H N N 230 
GLU HB2    H N N 231 
GLU HB3    H N N 232 
GLU HG2    H N N 233 
GLU HG3    H N N 234 
GLU HE2    H N N 235 
GLU HXT    H N N 236 
GLY N      N N N 237 
GLY CA     C N N 238 
GLY C      C N N 239 
GLY O      O N N 240 
GLY OXT    O N N 241 
GLY H      H N N 242 
GLY H2     H N N 243 
GLY HA2    H N N 244 
GLY HA3    H N N 245 
GLY HXT    H N N 246 
HIS N      N N N 247 
HIS CA     C N S 248 
HIS C      C N N 249 
HIS O      O N N 250 
HIS CB     C N N 251 
HIS CG     C Y N 252 
HIS ND1    N Y N 253 
HIS CD2    C Y N 254 
HIS CE1    C Y N 255 
HIS NE2    N Y N 256 
HIS OXT    O N N 257 
HIS H      H N N 258 
HIS H2     H N N 259 
HIS HA     H N N 260 
HIS HB2    H N N 261 
HIS HB3    H N N 262 
HIS HD1    H N N 263 
HIS HD2    H N N 264 
HIS HE1    H N N 265 
HIS HE2    H N N 266 
HIS HXT    H N N 267 
ILE N      N N N 268 
ILE CA     C N S 269 
ILE C      C N N 270 
ILE O      O N N 271 
ILE CB     C N S 272 
ILE CG1    C N N 273 
ILE CG2    C N N 274 
ILE CD1    C N N 275 
ILE OXT    O N N 276 
ILE H      H N N 277 
ILE H2     H N N 278 
ILE HA     H N N 279 
ILE HB     H N N 280 
ILE HG12   H N N 281 
ILE HG13   H N N 282 
ILE HG21   H N N 283 
ILE HG22   H N N 284 
ILE HG23   H N N 285 
ILE HD11   H N N 286 
ILE HD12   H N N 287 
ILE HD13   H N N 288 
ILE HXT    H N N 289 
LEU N      N N N 290 
LEU CA     C N S 291 
LEU C      C N N 292 
LEU O      O N N 293 
LEU CB     C N N 294 
LEU CG     C N N 295 
LEU CD1    C N N 296 
LEU CD2    C N N 297 
LEU OXT    O N N 298 
LEU H      H N N 299 
LEU H2     H N N 300 
LEU HA     H N N 301 
LEU HB2    H N N 302 
LEU HB3    H N N 303 
LEU HG     H N N 304 
LEU HD11   H N N 305 
LEU HD12   H N N 306 
LEU HD13   H N N 307 
LEU HD21   H N N 308 
LEU HD22   H N N 309 
LEU HD23   H N N 310 
LEU HXT    H N N 311 
LYS N      N N N 312 
LYS CA     C N S 313 
LYS C      C N N 314 
LYS O      O N N 315 
LYS CB     C N N 316 
LYS CG     C N N 317 
LYS CD     C N N 318 
LYS CE     C N N 319 
LYS NZ     N N N 320 
LYS OXT    O N N 321 
LYS H      H N N 322 
LYS H2     H N N 323 
LYS HA     H N N 324 
LYS HB2    H N N 325 
LYS HB3    H N N 326 
LYS HG2    H N N 327 
LYS HG3    H N N 328 
LYS HD2    H N N 329 
LYS HD3    H N N 330 
LYS HE2    H N N 331 
LYS HE3    H N N 332 
LYS HZ1    H N N 333 
LYS HZ2    H N N 334 
LYS HZ3    H N N 335 
LYS HXT    H N N 336 
MET N      N N N 337 
MET CA     C N S 338 
MET C      C N N 339 
MET O      O N N 340 
MET CB     C N N 341 
MET CG     C N N 342 
MET SD     S N N 343 
MET CE     C N N 344 
MET OXT    O N N 345 
MET H      H N N 346 
MET H2     H N N 347 
MET HA     H N N 348 
MET HB2    H N N 349 
MET HB3    H N N 350 
MET HG2    H N N 351 
MET HG3    H N N 352 
MET HE1    H N N 353 
MET HE2    H N N 354 
MET HE3    H N N 355 
MET HXT    H N N 356 
PHE N      N N N 357 
PHE CA     C N S 358 
PHE C      C N N 359 
PHE O      O N N 360 
PHE CB     C N N 361 
PHE CG     C Y N 362 
PHE CD1    C Y N 363 
PHE CD2    C Y N 364 
PHE CE1    C Y N 365 
PHE CE2    C Y N 366 
PHE CZ     C Y N 367 
PHE OXT    O N N 368 
PHE H      H N N 369 
PHE H2     H N N 370 
PHE HA     H N N 371 
PHE HB2    H N N 372 
PHE HB3    H N N 373 
PHE HD1    H N N 374 
PHE HD2    H N N 375 
PHE HE1    H N N 376 
PHE HE2    H N N 377 
PHE HZ     H N N 378 
PHE HXT    H N N 379 
PRO N      N N N 380 
PRO CA     C N S 381 
PRO C      C N N 382 
PRO O      O N N 383 
PRO CB     C N N 384 
PRO CG     C N N 385 
PRO CD     C N N 386 
PRO OXT    O N N 387 
PRO H      H N N 388 
PRO HA     H N N 389 
PRO HB2    H N N 390 
PRO HB3    H N N 391 
PRO HG2    H N N 392 
PRO HG3    H N N 393 
PRO HD2    H N N 394 
PRO HD3    H N N 395 
PRO HXT    H N N 396 
SER N      N N N 397 
SER CA     C N S 398 
SER C      C N N 399 
SER O      O N N 400 
SER CB     C N N 401 
SER OG     O N N 402 
SER OXT    O N N 403 
SER H      H N N 404 
SER H2     H N N 405 
SER HA     H N N 406 
SER HB2    H N N 407 
SER HB3    H N N 408 
SER HG     H N N 409 
SER HXT    H N N 410 
THR N      N N N 411 
THR CA     C N S 412 
THR C      C N N 413 
THR O      O N N 414 
THR CB     C N R 415 
THR OG1    O N N 416 
THR CG2    C N N 417 
THR OXT    O N N 418 
THR H      H N N 419 
THR H2     H N N 420 
THR HA     H N N 421 
THR HB     H N N 422 
THR HG1    H N N 423 
THR HG21   H N N 424 
THR HG22   H N N 425 
THR HG23   H N N 426 
THR HXT    H N N 427 
TYR N      N N N 428 
TYR CA     C N S 429 
TYR C      C N N 430 
TYR O      O N N 431 
TYR CB     C N N 432 
TYR CG     C Y N 433 
TYR CD1    C Y N 434 
TYR CD2    C Y N 435 
TYR CE1    C Y N 436 
TYR CE2    C Y N 437 
TYR CZ     C Y N 438 
TYR OH     O N N 439 
TYR OXT    O N N 440 
TYR H      H N N 441 
TYR H2     H N N 442 
TYR HA     H N N 443 
TYR HB2    H N N 444 
TYR HB3    H N N 445 
TYR HD1    H N N 446 
TYR HD2    H N N 447 
TYR HE1    H N N 448 
TYR HE2    H N N 449 
TYR HH     H N N 450 
TYR HXT    H N N 451 
U   OP3    O N N 452 
U   P      P N N 453 
U   OP1    O N N 454 
U   OP2    O N N 455 
U   "O5'"  O N N 456 
U   "C5'"  C N N 457 
U   "C4'"  C N R 458 
U   "O4'"  O N N 459 
U   "C3'"  C N S 460 
U   "O3'"  O N N 461 
U   "C2'"  C N R 462 
U   "O2'"  O N N 463 
U   "C1'"  C N R 464 
U   N1     N N N 465 
U   C2     C N N 466 
U   O2     O N N 467 
U   N3     N N N 468 
U   C4     C N N 469 
U   O4     O N N 470 
U   C5     C N N 471 
U   C6     C N N 472 
U   HOP3   H N N 473 
U   HOP2   H N N 474 
U   "H5'"  H N N 475 
U   "H5''" H N N 476 
U   "H4'"  H N N 477 
U   "H3'"  H N N 478 
U   "HO3'" H N N 479 
U   "H2'"  H N N 480 
U   "HO2'" H N N 481 
U   "H1'"  H N N 482 
U   H3     H N N 483 
U   H5     H N N 484 
U   H6     H N N 485 
VAL N      N N N 486 
VAL CA     C N S 487 
VAL C      C N N 488 
VAL O      O N N 489 
VAL CB     C N N 490 
VAL CG1    C N N 491 
VAL CG2    C N N 492 
VAL OXT    O N N 493 
VAL H      H N N 494 
VAL H2     H N N 495 
VAL HA     H N N 496 
VAL HB     H N N 497 
VAL HG11   H N N 498 
VAL HG12   H N N 499 
VAL HG13   H N N 500 
VAL HG21   H N N 501 
VAL HG22   H N N 502 
VAL HG23   H N N 503 
VAL HXT    H N N 504 
# 
loop_
_chem_comp_bond.comp_id 
_chem_comp_bond.atom_id_1 
_chem_comp_bond.atom_id_2 
_chem_comp_bond.value_order 
_chem_comp_bond.pdbx_aromatic_flag 
_chem_comp_bond.pdbx_stereo_config 
_chem_comp_bond.pdbx_ordinal 
A   OP3   P      sing N N 1   
A   OP3   HOP3   sing N N 2   
A   P     OP1    doub N N 3   
A   P     OP2    sing N N 4   
A   P     "O5'"  sing N N 5   
A   OP2   HOP2   sing N N 6   
A   "O5'" "C5'"  sing N N 7   
A   "C5'" "C4'"  sing N N 8   
A   "C5'" "H5'"  sing N N 9   
A   "C5'" "H5''" sing N N 10  
A   "C4'" "O4'"  sing N N 11  
A   "C4'" "C3'"  sing N N 12  
A   "C4'" "H4'"  sing N N 13  
A   "O4'" "C1'"  sing N N 14  
A   "C3'" "O3'"  sing N N 15  
A   "C3'" "C2'"  sing N N 16  
A   "C3'" "H3'"  sing N N 17  
A   "O3'" "HO3'" sing N N 18  
A   "C2'" "O2'"  sing N N 19  
A   "C2'" "C1'"  sing N N 20  
A   "C2'" "H2'"  sing N N 21  
A   "O2'" "HO2'" sing N N 22  
A   "C1'" N9     sing N N 23  
A   "C1'" "H1'"  sing N N 24  
A   N9    C8     sing Y N 25  
A   N9    C4     sing Y N 26  
A   C8    N7     doub Y N 27  
A   C8    H8     sing N N 28  
A   N7    C5     sing Y N 29  
A   C5    C6     sing Y N 30  
A   C5    C4     doub Y N 31  
A   C6    N6     sing N N 32  
A   C6    N1     doub Y N 33  
A   N6    H61    sing N N 34  
A   N6    H62    sing N N 35  
A   N1    C2     sing Y N 36  
A   C2    N3     doub Y N 37  
A   C2    H2     sing N N 38  
A   N3    C4     sing Y N 39  
ALA N     CA     sing N N 40  
ALA N     H      sing N N 41  
ALA N     H2     sing N N 42  
ALA CA    C      sing N N 43  
ALA CA    CB     sing N N 44  
ALA CA    HA     sing N N 45  
ALA C     O      doub N N 46  
ALA C     OXT    sing N N 47  
ALA CB    HB1    sing N N 48  
ALA CB    HB2    sing N N 49  
ALA CB    HB3    sing N N 50  
ALA OXT   HXT    sing N N 51  
ARG N     CA     sing N N 52  
ARG N     H      sing N N 53  
ARG N     H2     sing N N 54  
ARG CA    C      sing N N 55  
ARG CA    CB     sing N N 56  
ARG CA    HA     sing N N 57  
ARG C     O      doub N N 58  
ARG C     OXT    sing N N 59  
ARG CB    CG     sing N N 60  
ARG CB    HB2    sing N N 61  
ARG CB    HB3    sing N N 62  
ARG CG    CD     sing N N 63  
ARG CG    HG2    sing N N 64  
ARG CG    HG3    sing N N 65  
ARG CD    NE     sing N N 66  
ARG CD    HD2    sing N N 67  
ARG CD    HD3    sing N N 68  
ARG NE    CZ     sing N N 69  
ARG NE    HE     sing N N 70  
ARG CZ    NH1    sing N N 71  
ARG CZ    NH2    doub N N 72  
ARG NH1   HH11   sing N N 73  
ARG NH1   HH12   sing N N 74  
ARG NH2   HH21   sing N N 75  
ARG NH2   HH22   sing N N 76  
ARG OXT   HXT    sing N N 77  
ASN N     CA     sing N N 78  
ASN N     H      sing N N 79  
ASN N     H2     sing N N 80  
ASN CA    C      sing N N 81  
ASN CA    CB     sing N N 82  
ASN CA    HA     sing N N 83  
ASN C     O      doub N N 84  
ASN C     OXT    sing N N 85  
ASN CB    CG     sing N N 86  
ASN CB    HB2    sing N N 87  
ASN CB    HB3    sing N N 88  
ASN CG    OD1    doub N N 89  
ASN CG    ND2    sing N N 90  
ASN ND2   HD21   sing N N 91  
ASN ND2   HD22   sing N N 92  
ASN OXT   HXT    sing N N 93  
ASP N     CA     sing N N 94  
ASP N     H      sing N N 95  
ASP N     H2     sing N N 96  
ASP CA    C      sing N N 97  
ASP CA    CB     sing N N 98  
ASP CA    HA     sing N N 99  
ASP C     O      doub N N 100 
ASP C     OXT    sing N N 101 
ASP CB    CG     sing N N 102 
ASP CB    HB2    sing N N 103 
ASP CB    HB3    sing N N 104 
ASP CG    OD1    doub N N 105 
ASP CG    OD2    sing N N 106 
ASP OD2   HD2    sing N N 107 
ASP OXT   HXT    sing N N 108 
C   OP3   P      sing N N 109 
C   OP3   HOP3   sing N N 110 
C   P     OP1    doub N N 111 
C   P     OP2    sing N N 112 
C   P     "O5'"  sing N N 113 
C   OP2   HOP2   sing N N 114 
C   "O5'" "C5'"  sing N N 115 
C   "C5'" "C4'"  sing N N 116 
C   "C5'" "H5'"  sing N N 117 
C   "C5'" "H5''" sing N N 118 
C   "C4'" "O4'"  sing N N 119 
C   "C4'" "C3'"  sing N N 120 
C   "C4'" "H4'"  sing N N 121 
C   "O4'" "C1'"  sing N N 122 
C   "C3'" "O3'"  sing N N 123 
C   "C3'" "C2'"  sing N N 124 
C   "C3'" "H3'"  sing N N 125 
C   "O3'" "HO3'" sing N N 126 
C   "C2'" "O2'"  sing N N 127 
C   "C2'" "C1'"  sing N N 128 
C   "C2'" "H2'"  sing N N 129 
C   "O2'" "HO2'" sing N N 130 
C   "C1'" N1     sing N N 131 
C   "C1'" "H1'"  sing N N 132 
C   N1    C2     sing N N 133 
C   N1    C6     sing N N 134 
C   C2    O2     doub N N 135 
C   C2    N3     sing N N 136 
C   N3    C4     doub N N 137 
C   C4    N4     sing N N 138 
C   C4    C5     sing N N 139 
C   N4    H41    sing N N 140 
C   N4    H42    sing N N 141 
C   C5    C6     doub N N 142 
C   C5    H5     sing N N 143 
C   C6    H6     sing N N 144 
CYS N     CA     sing N N 145 
CYS N     H      sing N N 146 
CYS N     H2     sing N N 147 
CYS CA    C      sing N N 148 
CYS CA    CB     sing N N 149 
CYS CA    HA     sing N N 150 
CYS C     O      doub N N 151 
CYS C     OXT    sing N N 152 
CYS CB    SG     sing N N 153 
CYS CB    HB2    sing N N 154 
CYS CB    HB3    sing N N 155 
CYS SG    HG     sing N N 156 
CYS OXT   HXT    sing N N 157 
G   OP3   P      sing N N 158 
G   OP3   HOP3   sing N N 159 
G   P     OP1    doub N N 160 
G   P     OP2    sing N N 161 
G   P     "O5'"  sing N N 162 
G   OP2   HOP2   sing N N 163 
G   "O5'" "C5'"  sing N N 164 
G   "C5'" "C4'"  sing N N 165 
G   "C5'" "H5'"  sing N N 166 
G   "C5'" "H5''" sing N N 167 
G   "C4'" "O4'"  sing N N 168 
G   "C4'" "C3'"  sing N N 169 
G   "C4'" "H4'"  sing N N 170 
G   "O4'" "C1'"  sing N N 171 
G   "C3'" "O3'"  sing N N 172 
G   "C3'" "C2'"  sing N N 173 
G   "C3'" "H3'"  sing N N 174 
G   "O3'" "HO3'" sing N N 175 
G   "C2'" "O2'"  sing N N 176 
G   "C2'" "C1'"  sing N N 177 
G   "C2'" "H2'"  sing N N 178 
G   "O2'" "HO2'" sing N N 179 
G   "C1'" N9     sing N N 180 
G   "C1'" "H1'"  sing N N 181 
G   N9    C8     sing Y N 182 
G   N9    C4     sing Y N 183 
G   C8    N7     doub Y N 184 
G   C8    H8     sing N N 185 
G   N7    C5     sing Y N 186 
G   C5    C6     sing N N 187 
G   C5    C4     doub Y N 188 
G   C6    O6     doub N N 189 
G   C6    N1     sing N N 190 
G   N1    C2     sing N N 191 
G   N1    H1     sing N N 192 
G   C2    N2     sing N N 193 
G   C2    N3     doub N N 194 
G   N2    H21    sing N N 195 
G   N2    H22    sing N N 196 
G   N3    C4     sing N N 197 
GLN N     CA     sing N N 198 
GLN N     H      sing N N 199 
GLN N     H2     sing N N 200 
GLN CA    C      sing N N 201 
GLN CA    CB     sing N N 202 
GLN CA    HA     sing N N 203 
GLN C     O      doub N N 204 
GLN C     OXT    sing N N 205 
GLN CB    CG     sing N N 206 
GLN CB    HB2    sing N N 207 
GLN CB    HB3    sing N N 208 
GLN CG    CD     sing N N 209 
GLN CG    HG2    sing N N 210 
GLN CG    HG3    sing N N 211 
GLN CD    OE1    doub N N 212 
GLN CD    NE2    sing N N 213 
GLN NE2   HE21   sing N N 214 
GLN NE2   HE22   sing N N 215 
GLN OXT   HXT    sing N N 216 
GLU N     CA     sing N N 217 
GLU N     H      sing N N 218 
GLU N     H2     sing N N 219 
GLU CA    C      sing N N 220 
GLU CA    CB     sing N N 221 
GLU CA    HA     sing N N 222 
GLU C     O      doub N N 223 
GLU C     OXT    sing N N 224 
GLU CB    CG     sing N N 225 
GLU CB    HB2    sing N N 226 
GLU CB    HB3    sing N N 227 
GLU CG    CD     sing N N 228 
GLU CG    HG2    sing N N 229 
GLU CG    HG3    sing N N 230 
GLU CD    OE1    doub N N 231 
GLU CD    OE2    sing N N 232 
GLU OE2   HE2    sing N N 233 
GLU OXT   HXT    sing N N 234 
GLY N     CA     sing N N 235 
GLY N     H      sing N N 236 
GLY N     H2     sing N N 237 
GLY CA    C      sing N N 238 
GLY CA    HA2    sing N N 239 
GLY CA    HA3    sing N N 240 
GLY C     O      doub N N 241 
GLY C     OXT    sing N N 242 
GLY OXT   HXT    sing N N 243 
HIS N     CA     sing N N 244 
HIS N     H      sing N N 245 
HIS N     H2     sing N N 246 
HIS CA    C      sing N N 247 
HIS CA    CB     sing N N 248 
HIS CA    HA     sing N N 249 
HIS C     O      doub N N 250 
HIS C     OXT    sing N N 251 
HIS CB    CG     sing N N 252 
HIS CB    HB2    sing N N 253 
HIS CB    HB3    sing N N 254 
HIS CG    ND1    sing Y N 255 
HIS CG    CD2    doub Y N 256 
HIS ND1   CE1    doub Y N 257 
HIS ND1   HD1    sing N N 258 
HIS CD2   NE2    sing Y N 259 
HIS CD2   HD2    sing N N 260 
HIS CE1   NE2    sing Y N 261 
HIS CE1   HE1    sing N N 262 
HIS NE2   HE2    sing N N 263 
HIS OXT   HXT    sing N N 264 
ILE N     CA     sing N N 265 
ILE N     H      sing N N 266 
ILE N     H2     sing N N 267 
ILE CA    C      sing N N 268 
ILE CA    CB     sing N N 269 
ILE CA    HA     sing N N 270 
ILE C     O      doub N N 271 
ILE C     OXT    sing N N 272 
ILE CB    CG1    sing N N 273 
ILE CB    CG2    sing N N 274 
ILE CB    HB     sing N N 275 
ILE CG1   CD1    sing N N 276 
ILE CG1   HG12   sing N N 277 
ILE CG1   HG13   sing N N 278 
ILE CG2   HG21   sing N N 279 
ILE CG2   HG22   sing N N 280 
ILE CG2   HG23   sing N N 281 
ILE CD1   HD11   sing N N 282 
ILE CD1   HD12   sing N N 283 
ILE CD1   HD13   sing N N 284 
ILE OXT   HXT    sing N N 285 
LEU N     CA     sing N N 286 
LEU N     H      sing N N 287 
LEU N     H2     sing N N 288 
LEU CA    C      sing N N 289 
LEU CA    CB     sing N N 290 
LEU CA    HA     sing N N 291 
LEU C     O      doub N N 292 
LEU C     OXT    sing N N 293 
LEU CB    CG     sing N N 294 
LEU CB    HB2    sing N N 295 
LEU CB    HB3    sing N N 296 
LEU CG    CD1    sing N N 297 
LEU CG    CD2    sing N N 298 
LEU CG    HG     sing N N 299 
LEU CD1   HD11   sing N N 300 
LEU CD1   HD12   sing N N 301 
LEU CD1   HD13   sing N N 302 
LEU CD2   HD21   sing N N 303 
LEU CD2   HD22   sing N N 304 
LEU CD2   HD23   sing N N 305 
LEU OXT   HXT    sing N N 306 
LYS N     CA     sing N N 307 
LYS N     H      sing N N 308 
LYS N     H2     sing N N 309 
LYS CA    C      sing N N 310 
LYS CA    CB     sing N N 311 
LYS CA    HA     sing N N 312 
LYS C     O      doub N N 313 
LYS C     OXT    sing N N 314 
LYS CB    CG     sing N N 315 
LYS CB    HB2    sing N N 316 
LYS CB    HB3    sing N N 317 
LYS CG    CD     sing N N 318 
LYS CG    HG2    sing N N 319 
LYS CG    HG3    sing N N 320 
LYS CD    CE     sing N N 321 
LYS CD    HD2    sing N N 322 
LYS CD    HD3    sing N N 323 
LYS CE    NZ     sing N N 324 
LYS CE    HE2    sing N N 325 
LYS CE    HE3    sing N N 326 
LYS NZ    HZ1    sing N N 327 
LYS NZ    HZ2    sing N N 328 
LYS NZ    HZ3    sing N N 329 
LYS OXT   HXT    sing N N 330 
MET N     CA     sing N N 331 
MET N     H      sing N N 332 
MET N     H2     sing N N 333 
MET CA    C      sing N N 334 
MET CA    CB     sing N N 335 
MET CA    HA     sing N N 336 
MET C     O      doub N N 337 
MET C     OXT    sing N N 338 
MET CB    CG     sing N N 339 
MET CB    HB2    sing N N 340 
MET CB    HB3    sing N N 341 
MET CG    SD     sing N N 342 
MET CG    HG2    sing N N 343 
MET CG    HG3    sing N N 344 
MET SD    CE     sing N N 345 
MET CE    HE1    sing N N 346 
MET CE    HE2    sing N N 347 
MET CE    HE3    sing N N 348 
MET OXT   HXT    sing N N 349 
PHE N     CA     sing N N 350 
PHE N     H      sing N N 351 
PHE N     H2     sing N N 352 
PHE CA    C      sing N N 353 
PHE CA    CB     sing N N 354 
PHE CA    HA     sing N N 355 
PHE C     O      doub N N 356 
PHE C     OXT    sing N N 357 
PHE CB    CG     sing N N 358 
PHE CB    HB2    sing N N 359 
PHE CB    HB3    sing N N 360 
PHE CG    CD1    doub Y N 361 
PHE CG    CD2    sing Y N 362 
PHE CD1   CE1    sing Y N 363 
PHE CD1   HD1    sing N N 364 
PHE CD2   CE2    doub Y N 365 
PHE CD2   HD2    sing N N 366 
PHE CE1   CZ     doub Y N 367 
PHE CE1   HE1    sing N N 368 
PHE CE2   CZ     sing Y N 369 
PHE CE2   HE2    sing N N 370 
PHE CZ    HZ     sing N N 371 
PHE OXT   HXT    sing N N 372 
PRO N     CA     sing N N 373 
PRO N     CD     sing N N 374 
PRO N     H      sing N N 375 
PRO CA    C      sing N N 376 
PRO CA    CB     sing N N 377 
PRO CA    HA     sing N N 378 
PRO C     O      doub N N 379 
PRO C     OXT    sing N N 380 
PRO CB    CG     sing N N 381 
PRO CB    HB2    sing N N 382 
PRO CB    HB3    sing N N 383 
PRO CG    CD     sing N N 384 
PRO CG    HG2    sing N N 385 
PRO CG    HG3    sing N N 386 
PRO CD    HD2    sing N N 387 
PRO CD    HD3    sing N N 388 
PRO OXT   HXT    sing N N 389 
SER N     CA     sing N N 390 
SER N     H      sing N N 391 
SER N     H2     sing N N 392 
SER CA    C      sing N N 393 
SER CA    CB     sing N N 394 
SER CA    HA     sing N N 395 
SER C     O      doub N N 396 
SER C     OXT    sing N N 397 
SER CB    OG     sing N N 398 
SER CB    HB2    sing N N 399 
SER CB    HB3    sing N N 400 
SER OG    HG     sing N N 401 
SER OXT   HXT    sing N N 402 
THR N     CA     sing N N 403 
THR N     H      sing N N 404 
THR N     H2     sing N N 405 
THR CA    C      sing N N 406 
THR CA    CB     sing N N 407 
THR CA    HA     sing N N 408 
THR C     O      doub N N 409 
THR C     OXT    sing N N 410 
THR CB    OG1    sing N N 411 
THR CB    CG2    sing N N 412 
THR CB    HB     sing N N 413 
THR OG1   HG1    sing N N 414 
THR CG2   HG21   sing N N 415 
THR CG2   HG22   sing N N 416 
THR CG2   HG23   sing N N 417 
THR OXT   HXT    sing N N 418 
TYR N     CA     sing N N 419 
TYR N     H      sing N N 420 
TYR N     H2     sing N N 421 
TYR CA    C      sing N N 422 
TYR CA    CB     sing N N 423 
TYR CA    HA     sing N N 424 
TYR C     O      doub N N 425 
TYR C     OXT    sing N N 426 
TYR CB    CG     sing N N 427 
TYR CB    HB2    sing N N 428 
TYR CB    HB3    sing N N 429 
TYR CG    CD1    doub Y N 430 
TYR CG    CD2    sing Y N 431 
TYR CD1   CE1    sing Y N 432 
TYR CD1   HD1    sing N N 433 
TYR CD2   CE2    doub Y N 434 
TYR CD2   HD2    sing N N 435 
TYR CE1   CZ     doub Y N 436 
TYR CE1   HE1    sing N N 437 
TYR CE2   CZ     sing Y N 438 
TYR CE2   HE2    sing N N 439 
TYR CZ    OH     sing N N 440 
TYR OH    HH     sing N N 441 
TYR OXT   HXT    sing N N 442 
U   OP3   P      sing N N 443 
U   OP3   HOP3   sing N N 444 
U   P     OP1    doub N N 445 
U   P     OP2    sing N N 446 
U   P     "O5'"  sing N N 447 
U   OP2   HOP2   sing N N 448 
U   "O5'" "C5'"  sing N N 449 
U   "C5'" "C4'"  sing N N 450 
U   "C5'" "H5'"  sing N N 451 
U   "C5'" "H5''" sing N N 452 
U   "C4'" "O4'"  sing N N 453 
U   "C4'" "C3'"  sing N N 454 
U   "C4'" "H4'"  sing N N 455 
U   "O4'" "C1'"  sing N N 456 
U   "C3'" "O3'"  sing N N 457 
U   "C3'" "C2'"  sing N N 458 
U   "C3'" "H3'"  sing N N 459 
U   "O3'" "HO3'" sing N N 460 
U   "C2'" "O2'"  sing N N 461 
U   "C2'" "C1'"  sing N N 462 
U   "C2'" "H2'"  sing N N 463 
U   "O2'" "HO2'" sing N N 464 
U   "C1'" N1     sing N N 465 
U   "C1'" "H1'"  sing N N 466 
U   N1    C2     sing N N 467 
U   N1    C6     sing N N 468 
U   C2    O2     doub N N 469 
U   C2    N3     sing N N 470 
U   N3    C4     sing N N 471 
U   N3    H3     sing N N 472 
U   C4    O4     doub N N 473 
U   C4    C5     sing N N 474 
U   C5    C6     doub N N 475 
U   C5    H5     sing N N 476 
U   C6    H6     sing N N 477 
VAL N     CA     sing N N 478 
VAL N     H      sing N N 479 
VAL N     H2     sing N N 480 
VAL CA    C      sing N N 481 
VAL CA    CB     sing N N 482 
VAL CA    HA     sing N N 483 
VAL C     O      doub N N 484 
VAL C     OXT    sing N N 485 
VAL CB    CG1    sing N N 486 
VAL CB    CG2    sing N N 487 
VAL CB    HB     sing N N 488 
VAL CG1   HG11   sing N N 489 
VAL CG1   HG12   sing N N 490 
VAL CG1   HG13   sing N N 491 
VAL CG2   HG21   sing N N 492 
VAL CG2   HG22   sing N N 493 
VAL CG2   HG23   sing N N 494 
VAL OXT   HXT    sing N N 495 
# 
_em_ctf_correction.id        1 
_em_ctf_correction.details   'CTF correction of 3D-maps by Wiener filtration' 
_em_ctf_correction.type      . 
# 
_em_image_processing.id                   1 
_em_image_processing.image_recording_id   1 
_em_image_processing.details              ? 
# 
_em_image_recording.details                       ? 
_em_image_recording.id                            1 
_em_image_recording.avg_electron_dose_per_image   20 
_em_image_recording.film_or_detector_model        'KODAK SO-163 FILM' 
_em_image_recording.imaging_id                    1 
_em_image_recording.detector_mode                 ? 
_em_image_recording.average_exposure_time         ? 
_em_image_recording.num_diffraction_images        ? 
_em_image_recording.num_grids_imaged              ? 
_em_image_recording.num_real_images               ? 
# 
_em_specimen.experiment_id           1 
_em_specimen.id                      1 
_em_specimen.concentration           32 
_em_specimen.vitrification_applied   YES 
_em_specimen.staining_applied        NO 
_em_specimen.embedding_applied       NO 
_em_specimen.shadowing_applied       NO 
_em_specimen.details                 ? 
# 
loop_
_pdbx_coordinate_model.asym_id 
_pdbx_coordinate_model.type 
A 'P ATOMS ONLY'  
B 'CA ATOMS ONLY' 
C 'CA ATOMS ONLY' 
# 
loop_
_pdbx_initial_refinement_model.id 
_pdbx_initial_refinement_model.type 
_pdbx_initial_refinement_model.source_name 
_pdbx_initial_refinement_model.accession_code 
1 'experimental model' PDB 1GIX 
2 'experimental model' PDB 1GIY 
# 
_atom_sites.entry_id                    1PN7 
_atom_sites.fract_transf_matrix[1][1]   1.000000 
_atom_sites.fract_transf_matrix[1][2]   0.000000 
_atom_sites.fract_transf_matrix[1][3]   0.000000 
_atom_sites.fract_transf_matrix[2][1]   0.000000 
_atom_sites.fract_transf_matrix[2][2]   1.000000 
_atom_sites.fract_transf_matrix[2][3]   0.000000 
_atom_sites.fract_transf_matrix[3][1]   0.000000 
_atom_sites.fract_transf_matrix[3][2]   0.000000 
_atom_sites.fract_transf_matrix[3][3]   1.000000 
_atom_sites.fract_transf_vector[1]      0.00000 
_atom_sites.fract_transf_vector[2]      0.00000 
_atom_sites.fract_transf_vector[3]      0.00000 
# 
loop_
_atom_type.symbol 
C 
P 
# 
loop_
_atom_site.group_PDB 
_atom_site.id 
_atom_site.type_symbol 
_atom_site.label_atom_id 
_atom_site.label_alt_id 
_atom_site.label_comp_id 
_atom_site.label_asym_id 
_atom_site.label_entity_id 
_atom_site.label_seq_id 
_atom_site.pdbx_PDB_ins_code 
_atom_site.Cartn_x 
_atom_site.Cartn_y 
_atom_site.Cartn_z 
_atom_site.occupancy 
_atom_site.B_iso_or_equiv 
_atom_site.pdbx_formal_charge 
_atom_site.auth_seq_id 
_atom_site.auth_comp_id 
_atom_site.auth_asym_id 
_atom_site.auth_atom_id 
_atom_site.pdbx_PDB_model_num 
ATOM 1   P P  . G   A 1 1   ? 0.369   35.120  -48.188 1.00 0.00 ? 1   G   C P  1 
ATOM 2   P P  . C   A 1 2   ? -0.536  36.333  -55.128 1.00 0.00 ? 2   C   C P  1 
ATOM 3   P P  . G   A 1 3   ? -4.356  37.679  -58.159 1.00 0.00 ? 3   G   C P  1 
ATOM 4   P P  . G   A 1 4   ? -10.044 36.860  -60.244 1.00 0.00 ? 4   G   C P  1 
ATOM 5   P P  . A   A 1 5   ? -15.649 34.392  -60.678 1.00 0.00 ? 5   A   C P  1 
ATOM 6   P P  . U   A 1 6   ? -19.886 31.762  -58.266 1.00 0.00 ? 6   U   C P  1 
ATOM 7   P P  . U   A 1 7   ? -22.410 30.066  -53.166 1.00 0.00 ? 7   U   C P  1 
ATOM 8   P P  . U   A 1 8   ? -23.459 28.019  -47.064 1.00 0.00 ? 8   U   C P  1 
ATOM 9   P P  . A   A 1 9   ? -27.342 27.195  -44.024 1.00 0.00 ? 9   A   C P  1 
ATOM 10  P P  . C   A 1 10  ? -24.767 20.727  -42.120 1.00 0.00 ? 11  C   C P  1 
ATOM 11  P P  . U   A 1 11  ? -23.665 18.898  -47.507 1.00 0.00 ? 12  U   C P  1 
ATOM 12  P P  . C   A 1 12  ? -24.650 20.829  -53.002 1.00 0.00 ? 13  C   C P  1 
ATOM 13  P P  . A   A 1 13  ? -27.795 26.108  -56.122 1.00 0.00 ? 14  A   C P  1 
ATOM 14  P P  . G   A 1 14  ? -30.954 30.625  -58.014 1.00 0.00 ? 15  G   C P  1 
ATOM 15  P P  . G   A 1 15  ? -32.366 44.478  -56.998 1.00 0.00 ? 18  G   C P  1 
ATOM 16  P P  . G   A 1 16  ? -35.886 43.886  -52.053 1.00 0.00 ? 19  G   C P  1 
ATOM 17  P P  . G   A 1 17  ? -37.911 42.267  -45.700 1.00 0.00 ? 20  G   C P  1 
ATOM 18  P P  . A   A 1 18  ? -39.253 38.814  -42.671 1.00 0.00 ? 21  A   C P  1 
ATOM 19  P P  . G   A 1 19  ? -39.573 32.849  -44.313 1.00 0.00 ? 22  G   C P  1 
ATOM 20  P P  . A   A 1 20  ? -40.245 26.607  -46.744 1.00 0.00 ? 23  A   C P  1 
ATOM 21  P P  . G   A 1 21  ? -40.927 21.448  -48.931 1.00 0.00 ? 24  G   C P  1 
ATOM 22  P P  . C   A 1 22  ? -39.692 16.153  -48.780 1.00 0.00 ? 25  C   C P  1 
ATOM 23  P P  . C   A 1 23  ? -35.011 11.313  -40.021 1.00 0.00 ? 27  C   C P  1 
ATOM 24  P P  . C   A 1 24  ? -36.258 11.891  -34.419 1.00 0.00 ? 28  C   C P  1 
ATOM 25  P P  . A   A 1 25  ? -40.486 12.000  -30.565 1.00 0.00 ? 29  A   C P  1 
ATOM 26  P P  . G   A 1 26  ? -46.516 11.860  -29.301 1.00 0.00 ? 30  G   C P  1 
ATOM 27  P P  . A   A 1 27  ? -51.898 10.612  -30.311 1.00 0.00 ? 31  A   C P  1 
ATOM 28  P P  . U   A 1 28  ? -55.510 2.096   -34.918 1.00 0.00 ? 33  U   C P  1 
ATOM 29  P P  . A   A 1 29  ? -51.050 -0.251  -29.767 1.00 0.00 ? 35  A   C P  1 
ATOM 30  P P  . A   A 1 30  ? -45.141 2.722   -30.708 1.00 0.00 ? 36  A   C P  1 
ATOM 31  P P  . A   A 1 31  ? -40.941 5.275   -42.460 1.00 0.00 ? 38  A   C P  1 
ATOM 32  P P  . U   A 1 32  ? -51.205 16.597  -44.887 1.00 0.00 ? 41  U   C P  1 
ATOM 33  P P  . G   A 1 33  ? -50.581 20.763  -41.698 1.00 0.00 ? 42  G   C P  1 
ATOM 34  P P  . G   A 1 34  ? -47.326 24.451  -37.907 1.00 0.00 ? 43  G   C P  1 
ATOM 35  P P  . A   A 1 35  ? -43.025 26.740  -34.891 1.00 0.00 ? 44  A   C P  1 
ATOM 36  P P  . G   A 1 36  ? -37.453 27.873  -33.598 1.00 0.00 ? 45  G   C P  1 
ATOM 37  P P  . U   A 1 37  ? -27.018 30.489  -36.718 1.00 0.00 ? 47  U   C P  1 
ATOM 38  P P  . C   A 1 38  ? -26.751 35.649  -40.257 1.00 0.00 ? 48  C   C P  1 
ATOM 39  P P  . U   A 1 39  ? -21.615 35.978  -41.626 1.00 0.00 ? 50  U   C P  1 
ATOM 40  P P  . G   A 1 40  ? -19.718 40.287  -38.668 1.00 0.00 ? 51  G   C P  1 
ATOM 41  P P  . U   A 1 41  ? -18.694 45.712  -38.053 1.00 0.00 ? 52  U   C P  1 
ATOM 42  P P  . G   A 1 42  ? -19.089 51.102  -40.421 1.00 0.00 ? 53  G   C P  1 
ATOM 43  P P  . C   A 1 43  ? -30.075 57.515  -47.639 1.00 0.00 ? 56  C   C P  1 
ATOM 44  P P  . G   A 1 44  ? -30.209 53.713  -43.743 1.00 0.00 ? 57  G   C P  1 
ATOM 45  P P  . U   A 1 45  ? -29.950 41.471  -45.204 1.00 0.00 ? 59  U   C P  1 
ATOM 46  P P  . C   A 1 46  ? -25.533 41.611  -48.686 1.00 0.00 ? 60  C   C P  1 
ATOM 47  P P  . C   A 1 47  ? -24.538 41.645  -55.327 1.00 0.00 ? 61  C   C P  1 
ATOM 48  P P  . A   A 1 48  ? -20.153 44.847  -56.182 1.00 0.00 ? 62  A   C P  1 
ATOM 49  P P  . C   A 1 49  ? -14.861 46.238  -55.065 1.00 0.00 ? 63  C   C P  1 
ATOM 50  P P  . A   A 1 50  ? -9.903  44.979  -52.062 1.00 0.00 ? 64  A   C P  1 
ATOM 51  P P  . G   A 1 51  ? -7.223  41.516  -49.039 1.00 0.00 ? 65  G   C P  1 
ATOM 52  P P  . A   A 1 52  ? -6.810  36.272  -46.061 1.00 0.00 ? 66  A   C P  1 
ATOM 53  P P  . A   A 1 53  ? -7.734  30.801  -44.683 1.00 0.00 ? 67  A   C P  1 
ATOM 54  P P  . U   A 1 54  ? -9.457  25.461  -46.347 1.00 0.00 ? 68  U   C P  1 
ATOM 55  P P  . U   A 1 55  ? -10.628 21.662  -50.357 1.00 0.00 ? 69  U   C P  1 
ATOM 56  P P  . C   A 1 56  ? -10.005 20.237  -55.899 1.00 0.00 ? 70  C   C P  1 
ATOM 57  P P  . G   A 1 57  ? -7.357  20.600  -61.206 1.00 0.00 ? 71  G   C P  1 
ATOM 58  P P  . C   A 1 58  ? -2.874  23.330  -64.881 1.00 0.00 ? 72  C   C P  1 
ATOM 59  P P  . A   A 1 59  ? 1.949   26.011  -64.975 1.00 0.00 ? 73  A   C P  1 
ATOM 60  P P  . C   A 1 60  ? 7.305   25.613  -63.697 1.00 0.00 ? 74  C   C P  1 
ATOM 61  P P  . C   A 1 61  ? 9.705   25.448  -69.667 1.00 0.00 ? 75  C   C P  1 
ATOM 62  P P  . A   A 1 62  ? 14.598  25.311  -71.526 1.00 0.00 ? 76  A   C P  1 
ATOM 63  C CA . PRO B 2 1   ? -24.275 -55.053 -55.247 1.00 0.00 ? 5   PRO O CA 1 
ATOM 64  C CA . THR B 2 2   ? -24.240 -58.376 -57.106 1.00 0.00 ? 6   THR O CA 1 
ATOM 65  C CA . ILE B 2 3   ? -22.070 -61.217 -55.848 1.00 0.00 ? 7   ILE O CA 1 
ATOM 66  C CA . ASN B 2 4   ? -19.907 -60.899 -58.931 1.00 0.00 ? 8   ASN O CA 1 
ATOM 67  C CA . GLN B 2 5   ? -19.658 -57.178 -58.219 1.00 0.00 ? 9   GLN O CA 1 
ATOM 68  C CA . LEU B 2 6   ? -18.598 -57.868 -54.651 1.00 0.00 ? 10  LEU O CA 1 
ATOM 69  C CA . VAL B 2 7   ? -15.972 -60.148 -56.088 1.00 0.00 ? 11  VAL O CA 1 
ATOM 70  C CA . ARG B 2 8   ? -14.736 -57.392 -58.364 1.00 0.00 ? 12  ARG O CA 1 
ATOM 71  C CA . LYS B 2 9   ? -14.798 -54.284 -56.204 1.00 0.00 ? 13  LYS O CA 1 
ATOM 72  C CA . GLY B 2 10  ? -15.561 -55.704 -52.773 1.00 0.00 ? 14  GLY O CA 1 
ATOM 73  C CA . ARG B 2 11  ? -16.417 -53.887 -49.549 1.00 0.00 ? 15  ARG O CA 1 
ATOM 74  C CA . GLU B 2 12  ? -14.261 -50.982 -48.376 1.00 0.00 ? 16  GLU O CA 1 
ATOM 75  C CA . LYS B 2 13  ? -13.321 -51.050 -44.686 1.00 0.00 ? 17  LYS O CA 1 
ATOM 76  C CA . VAL B 2 14  ? -14.052 -47.972 -42.573 1.00 0.00 ? 18  VAL O CA 1 
ATOM 77  C CA . ARG B 2 15  ? -11.171 -45.781 -41.324 1.00 0.00 ? 19  ARG O CA 1 
ATOM 78  C CA . LYS B 2 16  ? -11.623 -44.086 -37.942 1.00 0.00 ? 20  LYS O CA 1 
ATOM 79  C CA . LYS B 2 17  ? -9.904  -40.692 -37.548 1.00 0.00 ? 21  LYS O CA 1 
ATOM 80  C CA . SER B 2 18  ? -8.267  -39.755 -34.255 1.00 0.00 ? 22  SER O CA 1 
ATOM 81  C CA . LYS B 2 19  ? -9.752  -37.000 -32.158 1.00 0.00 ? 23  LYS O CA 1 
ATOM 82  C CA . VAL B 2 20  ? -6.582  -36.408 -30.202 1.00 0.00 ? 24  VAL O CA 1 
ATOM 83  C CA . PRO B 2 21  ? -3.358  -35.845 -32.121 1.00 0.00 ? 25  PRO O CA 1 
ATOM 84  C CA . ALA B 2 22  ? -1.465  -36.005 -28.809 1.00 0.00 ? 26  ALA O CA 1 
ATOM 85  C CA . LEU B 2 23  ? 0.836   -37.451 -31.474 1.00 0.00 ? 27  LEU O CA 1 
ATOM 86  C CA . LYS B 2 24  ? 2.682   -40.686 -30.809 1.00 0.00 ? 28  LYS O CA 1 
ATOM 87  C CA . GLY B 2 25  ? -0.883  -41.780 -30.129 1.00 0.00 ? 29  GLY O CA 1 
ATOM 88  C CA . ALA B 2 26  ? 0.408   -41.419 -26.582 1.00 0.00 ? 30  ALA O CA 1 
ATOM 89  C CA . PRO B 2 27  ? -1.724  -41.553 -23.409 1.00 0.00 ? 31  PRO O CA 1 
ATOM 90  C CA . PHE B 2 28  ? -0.407  -38.185 -22.263 1.00 0.00 ? 32  PHE O CA 1 
ATOM 91  C CA . ARG B 2 29  ? 1.874   -35.457 -23.486 1.00 0.00 ? 33  ARG O CA 1 
ATOM 92  C CA . ARG B 2 30  ? 3.648   -32.717 -21.558 1.00 0.00 ? 34  ARG O CA 1 
ATOM 93  C CA . GLY B 2 31  ? 3.869   -29.164 -22.817 1.00 0.00 ? 35  GLY O CA 1 
ATOM 94  C CA . VAL B 2 32  ? 4.678   -25.656 -21.701 1.00 0.00 ? 36  VAL O CA 1 
ATOM 95  C CA . CYS B 2 33  ? 2.077   -23.008 -20.986 1.00 0.00 ? 37  CYS O CA 1 
ATOM 96  C CA . THR B 2 34  ? 2.097   -19.964 -23.246 1.00 0.00 ? 38  THR O CA 1 
ATOM 97  C CA . VAL B 2 35  ? -1.080  -18.119 -22.396 1.00 0.00 ? 39  VAL O CA 1 
ATOM 98  C CA . VAL B 2 36  ? -3.362  -18.666 -19.436 1.00 0.00 ? 40  VAL O CA 1 
ATOM 99  C CA . ARG B 2 37  ? -6.392  -16.958 -21.011 1.00 0.00 ? 41  ARG O CA 1 
ATOM 100 C CA . THR B 2 38  ? -10.091 -17.410 -20.210 1.00 0.00 ? 42  THR O CA 1 
ATOM 101 C CA . VAL B 2 39  ? -12.580 -18.178 -22.953 1.00 0.00 ? 43  VAL O CA 1 
ATOM 102 C CA . THR B 2 40  ? -16.346 -17.814 -22.923 1.00 0.00 ? 44  THR O CA 1 
ATOM 103 C CA . PRO B 2 41  ? -18.856 -20.681 -23.530 1.00 0.00 ? 45  PRO O CA 1 
ATOM 104 C CA . LYS B 2 42  ? -20.961 -21.360 -26.632 1.00 0.00 ? 46  LYS O CA 1 
ATOM 105 C CA . LYS B 2 43  ? -24.629 -21.596 -27.714 1.00 0.00 ? 47  LYS O CA 1 
ATOM 106 C CA . PRO B 2 44  ? -26.348 -21.335 -24.303 1.00 0.00 ? 48  PRO O CA 1 
ATOM 107 C CA . ASN B 2 45  ? -23.813 -21.655 -21.512 1.00 0.00 ? 49  ASN O CA 1 
ATOM 108 C CA . SER B 2 46  ? -22.033 -18.637 -20.066 1.00 0.00 ? 50  SER O CA 1 
ATOM 109 C CA . ALA B 2 47  ? -19.017 -18.315 -17.725 1.00 0.00 ? 51  ALA O CA 1 
ATOM 110 C CA . LEU B 2 48  ? -15.253 -17.804 -17.715 1.00 0.00 ? 52  LEU O CA 1 
ATOM 111 C CA . ARG B 2 49  ? -13.700 -21.116 -18.682 1.00 0.00 ? 53  ARG O CA 1 
ATOM 112 C CA . LYS B 2 50  ? -10.027 -21.231 -17.672 1.00 0.00 ? 54  LYS O CA 1 
ATOM 113 C CA . VAL B 2 51  ? -7.890  -22.355 -20.596 1.00 0.00 ? 55  VAL O CA 1 
ATOM 114 C CA . ALA B 2 52  ? -4.210  -22.528 -21.595 1.00 0.00 ? 56  ALA O CA 1 
ATOM 115 C CA . LYS B 2 53  ? -2.204  -22.545 -24.838 1.00 0.00 ? 57  LYS O CA 1 
ATOM 116 C CA . VAL B 2 54  ? 0.385   -25.314 -24.603 1.00 0.00 ? 58  VAL O CA 1 
ATOM 117 C CA . ARG B 2 55  ? 3.543   -26.037 -26.581 1.00 0.00 ? 59  ARG O CA 1 
ATOM 118 C CA . LEU B 2 56  ? 3.740   -29.844 -26.666 1.00 0.00 ? 60  LEU O CA 1 
ATOM 119 C CA . THR B 2 57  ? 6.844   -32.006 -26.839 1.00 0.00 ? 61  THR O CA 1 
ATOM 120 C CA . SER B 2 58  ? 5.004   -33.566 -29.758 1.00 0.00 ? 62  SER O CA 1 
ATOM 121 C CA . GLY B 2 59  ? 5.637   -30.403 -31.742 1.00 0.00 ? 63  GLY O CA 1 
ATOM 122 C CA . TYR B 2 60  ? 1.986   -29.313 -31.544 1.00 0.00 ? 64  TYR O CA 1 
ATOM 123 C CA . GLU B 2 61  ? 0.721   -26.058 -30.001 1.00 0.00 ? 65  GLU O CA 1 
ATOM 124 C CA . VAL B 2 62  ? -2.700  -26.644 -28.430 1.00 0.00 ? 66  VAL O CA 1 
ATOM 125 C CA . THR B 2 63  ? -5.402  -25.237 -26.136 1.00 0.00 ? 67  THR O CA 1 
ATOM 126 C CA . ALA B 2 64  ? -6.301  -27.220 -23.018 1.00 0.00 ? 68  ALA O CA 1 
ATOM 127 C CA . TYR B 2 65  ? -8.980  -27.020 -20.342 1.00 0.00 ? 69  TYR O CA 1 
ATOM 128 C CA . ILE B 2 66  ? -7.938  -26.533 -16.709 1.00 0.00 ? 70  ILE O CA 1 
ATOM 129 C CA . PRO B 2 67  ? -10.446 -28.444 -14.518 1.00 0.00 ? 71  PRO O CA 1 
ATOM 130 C CA . GLY B 2 68  ? -11.045 -27.517 -10.909 1.00 0.00 ? 72  GLY O CA 1 
ATOM 131 C CA . GLU B 2 69  ? -12.380 -24.735 -8.689  1.00 0.00 ? 73  GLU O CA 1 
ATOM 132 C CA . GLY B 2 70  ? -9.150  -22.736 -8.910  1.00 0.00 ? 74  GLY O CA 1 
ATOM 133 C CA . HIS B 2 71  ? -5.706  -23.131 -10.520 1.00 0.00 ? 75  HIS O CA 1 
ATOM 134 C CA . ASN B 2 72  ? -2.119  -21.834 -10.287 1.00 0.00 ? 76  ASN O CA 1 
ATOM 135 C CA . LEU B 2 73  ? -0.951  -22.033 -13.913 1.00 0.00 ? 77  LEU O CA 1 
ATOM 136 C CA . GLN B 2 74  ? 1.279   -19.289 -15.326 1.00 0.00 ? 78  GLN O CA 1 
ATOM 137 C CA . GLU B 2 75  ? 3.076   -18.132 -18.446 1.00 0.00 ? 79  GLU O CA 1 
ATOM 138 C CA . HIS B 2 76  ? 5.793   -20.805 -18.547 1.00 0.00 ? 80  HIS O CA 1 
ATOM 139 C CA . SER B 2 77  ? 4.478   -23.597 -16.365 1.00 0.00 ? 81  SER O CA 1 
ATOM 140 C CA . VAL B 2 78  ? 5.178   -27.184 -17.391 1.00 0.00 ? 82  VAL O CA 1 
ATOM 141 C CA . VAL B 2 79  ? 2.002   -29.228 -17.677 1.00 0.00 ? 83  VAL O CA 1 
ATOM 142 C CA . LEU B 2 80  ? 0.584   -32.640 -18.669 1.00 0.00 ? 84  LEU O CA 1 
ATOM 143 C CA . ILE B 2 81  ? -2.215  -33.040 -21.249 1.00 0.00 ? 85  ILE O CA 1 
ATOM 144 C CA . ARG B 2 82  ? -4.681  -35.921 -21.116 1.00 0.00 ? 86  ARG O CA 1 
ATOM 145 C CA . GLY B 2 83  ? -7.052  -35.601 -24.026 1.00 0.00 ? 87  GLY O CA 1 
ATOM 146 C CA . GLY B 2 84  ? -10.746 -34.948 -23.654 1.00 0.00 ? 88  GLY O CA 1 
ATOM 147 C CA . ARG B 2 85  ? -12.589 -32.133 -25.344 1.00 0.00 ? 89  ARG O CA 1 
ATOM 148 C CA . VAL B 2 86  ? -14.922 -29.586 -23.705 1.00 0.00 ? 90  VAL O CA 1 
ATOM 149 C CA . LYS B 2 87  ? -18.355 -29.345 -25.334 1.00 0.00 ? 91  LYS O CA 1 
ATOM 150 C CA . ASP B 2 88  ? -18.633 -25.564 -24.754 1.00 0.00 ? 92  ASP O CA 1 
ATOM 151 C CA . LEU B 2 89  ? -15.201 -24.402 -25.777 1.00 0.00 ? 93  LEU O CA 1 
ATOM 152 C CA . PRO B 2 90  ? -14.735 -24.843 -29.502 1.00 0.00 ? 94  PRO O CA 1 
ATOM 153 C CA . GLY B 2 91  ? -11.063 -25.543 -30.030 1.00 0.00 ? 95  GLY O CA 1 
ATOM 154 C CA . VAL B 2 92  ? -10.198 -27.205 -26.753 1.00 0.00 ? 96  VAL O CA 1 
ATOM 155 C CA . ARG B 2 93  ? -9.435  -30.884 -27.247 1.00 0.00 ? 97  ARG O CA 1 
ATOM 156 C CA . TYR B 2 94  ? -7.525  -31.869 -24.137 1.00 0.00 ? 98  TYR O CA 1 
ATOM 157 C CA . HIS B 2 95  ? -7.756  -31.390 -20.388 1.00 0.00 ? 99  HIS O CA 1 
ATOM 158 C CA . ILE B 2 96  ? -4.814  -30.537 -18.171 1.00 0.00 ? 100 ILE O CA 1 
ATOM 159 C CA . VAL B 2 97  ? -3.841  -33.128 -15.605 1.00 0.00 ? 101 VAL O CA 1 
ATOM 160 C CA . ARG B 2 98  ? -4.026  -31.531 -12.204 1.00 0.00 ? 102 ARG O CA 1 
ATOM 161 C CA . GLY B 2 99  ? -1.440  -32.712 -9.723  1.00 0.00 ? 103 GLY O CA 1 
ATOM 162 C CA . VAL B 2 100 ? 1.341   -33.229 -12.240 1.00 0.00 ? 104 VAL O CA 1 
ATOM 163 C CA . TYR B 2 101 ? 4.373   -31.015 -12.908 1.00 0.00 ? 105 TYR O CA 1 
ATOM 164 C CA . ASP B 2 102 ? 3.507   -27.329 -12.372 1.00 0.00 ? 106 ASP O CA 1 
ATOM 165 C CA . ALA B 2 103 ? -0.268  -27.635 -12.249 1.00 0.00 ? 107 ALA O CA 1 
ATOM 166 C CA . ALA B 2 104 ? -1.042  -27.924 -8.562  1.00 0.00 ? 108 ALA O CA 1 
ATOM 167 C CA . GLY B 2 105 ? -4.036  -29.933 -7.437  1.00 0.00 ? 109 GLY O CA 1 
ATOM 168 C CA . VAL B 2 106 ? -7.308  -28.362 -6.375  1.00 0.00 ? 110 VAL O CA 1 
ATOM 169 C CA . LYS B 2 107 ? -7.297  -27.040 -2.817  1.00 0.00 ? 111 LYS O CA 1 
ATOM 170 C CA . ASP B 2 108 ? -10.140 -28.147 -0.540  1.00 0.00 ? 112 ASP O CA 1 
ATOM 171 C CA . ARG B 2 109 ? -11.214 -30.975 -2.825  1.00 0.00 ? 113 ARG O CA 1 
ATOM 172 C CA . LYS B 2 110 ? -12.949 -33.457 -0.554  1.00 0.00 ? 114 LYS O CA 1 
ATOM 173 C CA . LYS B 2 111 ? -14.585 -35.675 -3.174  1.00 0.00 ? 115 LYS O CA 1 
ATOM 174 C CA . SER B 2 112 ? -13.544 -36.815 -6.634  1.00 0.00 ? 116 SER O CA 1 
ATOM 175 C CA . ARG B 2 113 ? -9.906  -36.134 -5.692  1.00 0.00 ? 117 ARG O CA 1 
ATOM 176 C CA . SER B 2 114 ? -8.553  -38.906 -7.955  1.00 0.00 ? 118 SER O CA 1 
ATOM 177 C CA . LYS B 2 115 ? -9.227  -36.288 -10.624 1.00 0.00 ? 119 LYS O CA 1 
ATOM 178 C CA . TYR B 2 116 ? -8.037  -32.805 -9.558  1.00 0.00 ? 120 TYR O CA 1 
ATOM 179 C CA . GLY B 2 117 ? -4.998  -34.611 -8.141  1.00 0.00 ? 121 GLY O CA 1 
ATOM 180 C CA . THR B 2 118 ? -5.416  -33.767 -4.437  1.00 0.00 ? 122 THR O CA 1 
ATOM 181 C CA . LYS B 2 119 ? -3.894  -35.946 -1.694  1.00 0.00 ? 123 LYS O CA 1 
ATOM 182 C CA . LYS B 2 120 ? -5.961  -37.520 1.075   1.00 0.00 ? 124 LYS O CA 1 
ATOM 183 C CA . PRO B 2 121 ? -6.895  -34.909 3.688   1.00 0.00 ? 125 PRO O CA 1 
ATOM 184 C CA . LYS B 2 122 ? -5.892  -36.063 7.176   1.00 0.00 ? 126 LYS O CA 1 
ATOM 185 C CA . GLU B 2 123 ? -9.110  -35.952 9.192   1.00 0.00 ? 127 GLU O CA 1 
ATOM 186 C CA . ALA B 2 124 ? -8.306  -34.463 12.600  1.00 0.00 ? 128 ALA O CA 1 
ATOM 187 C CA . GLN C 3 1   ? 23.229  23.485  22.324  1.00 0.00 ? 8   GLN L CA 1 
ATOM 188 C CA . ILE C 3 2   ? 19.976  22.836  20.452  1.00 0.00 ? 9   ILE L CA 1 
ATOM 189 C CA . LYS C 3 3   ? 16.730  24.818  20.369  1.00 0.00 ? 10  LYS L CA 1 
ATOM 190 C CA . LEU C 3 4   ? 13.195  23.967  19.291  1.00 0.00 ? 11  LEU L CA 1 
ATOM 191 C CA . GLN C 3 5   ? 9.536   24.818  19.863  1.00 0.00 ? 12  GLN L CA 1 
ATOM 192 C CA . LEU C 3 6   ? 7.740   21.919  21.550  1.00 0.00 ? 13  LEU L CA 1 
ATOM 193 C CA . PRO C 3 7   ? 4.024   21.984  22.489  1.00 0.00 ? 14  PRO L CA 1 
ATOM 194 C CA . ALA C 3 8   ? 3.075   22.256  26.170  1.00 0.00 ? 15  ALA L CA 1 
ATOM 195 C CA . GLY C 3 9   ? 2.321   18.792  27.538  1.00 0.00 ? 16  GLY L CA 1 
ATOM 196 C CA . LYS C 3 10  ? 3.720   16.543  24.804  1.00 0.00 ? 17  LYS L CA 1 
ATOM 197 C CA . ALA C 3 11  ? 7.069   15.125  23.625  1.00 0.00 ? 18  ALA L CA 1 
ATOM 198 C CA . THR C 3 12  ? 8.940   11.993  22.441  1.00 0.00 ? 19  THR L CA 1 
ATOM 199 C CA . PRO C 3 13  ? 7.805   11.701  18.798  1.00 0.00 ? 20  PRO L CA 1 
ATOM 200 C CA . ALA C 3 14  ? 10.513  10.785  16.294  1.00 0.00 ? 21  ALA L CA 1 
ATOM 201 C CA . PRO C 3 15  ? 9.627   13.273  13.530  1.00 0.00 ? 22  PRO L CA 1 
ATOM 202 C CA . PRO C 3 16  ? 9.106   16.302  15.866  1.00 0.00 ? 23  PRO L CA 1 
ATOM 203 C CA . VAL C 3 17  ? 11.695  15.732  18.634  1.00 0.00 ? 24  VAL L CA 1 
ATOM 204 C CA . GLY C 3 18  ? 13.730  12.511  18.610  1.00 0.00 ? 25  GLY L CA 1 
ATOM 205 C CA . PRO C 3 19  ? 16.012  12.726  15.517  1.00 0.00 ? 26  PRO L CA 1 
ATOM 206 C CA . ALA C 3 20  ? 16.632  16.445  16.105  1.00 0.00 ? 27  ALA L CA 1 
ATOM 207 C CA . LEU C 3 21  ? 18.569  16.633  19.377  1.00 0.00 ? 28  LEU L CA 1 
ATOM 208 C CA . GLY C 3 22  ? 18.594  12.849  19.514  1.00 0.00 ? 29  GLY L CA 1 
ATOM 209 C CA . GLN C 3 23  ? 21.515  13.128  17.100  1.00 0.00 ? 30  GLN L CA 1 
ATOM 210 C CA . HIS C 3 24  ? 23.530  15.502  19.295  1.00 0.00 ? 31  HIS L CA 1 
ATOM 211 C CA . GLY C 3 25  ? 23.756  13.102  22.228  1.00 0.00 ? 32  GLY L CA 1 
ATOM 212 C CA . VAL C 3 26  ? 20.565  13.905  24.128  1.00 0.00 ? 33  VAL L CA 1 
ATOM 213 C CA . ASN C 3 27  ? 18.544  11.079  25.702  1.00 0.00 ? 34  ASN L CA 1 
ATOM 214 C CA . ILE C 3 28  ? 14.988  11.748  24.483  1.00 0.00 ? 35  ILE L CA 1 
ATOM 215 C CA . MET C 3 29  ? 13.010  9.939   27.234  1.00 0.00 ? 36  MET L CA 1 
ATOM 216 C CA . GLU C 3 30  ? 14.585  12.062  29.989  1.00 0.00 ? 37  GLU L CA 1 
ATOM 217 C CA . PHE C 3 31  ? 13.711  15.303  28.172  1.00 0.00 ? 38  PHE L CA 1 
ATOM 218 C CA . CYS C 3 32  ? 10.149  14.313  27.198  1.00 0.00 ? 39  CYS L CA 1 
ATOM 219 C CA . LYS C 3 33  ? 9.120   13.634  30.797  1.00 0.00 ? 40  LYS L CA 1 
ATOM 220 C CA . ARG C 3 34  ? 11.268  16.517  32.078  1.00 0.00 ? 41  ARG L CA 1 
ATOM 221 C CA . PHE C 3 35  ? 10.011  19.048  29.525  1.00 0.00 ? 42  PHE L CA 1 
ATOM 222 C CA . ASN C 3 36  ? 6.401   17.936  29.913  1.00 0.00 ? 43  ASN L CA 1 
ATOM 223 C CA . ALA C 3 37  ? 6.930   18.278  33.658  1.00 0.00 ? 44  ALA L CA 1 
ATOM 224 C CA . GLU C 3 38  ? 7.178   22.059  34.059  1.00 0.00 ? 45  GLU L CA 1 
ATOM 225 C CA . THR C 3 39  ? 5.331   22.657  30.790  1.00 0.00 ? 46  THR L CA 1 
ATOM 226 C CA . ALA C 3 40  ? 2.321   21.620  32.878  1.00 0.00 ? 47  ALA L CA 1 
ATOM 227 C CA . ASP C 3 41  ? 1.930   25.051  34.479  1.00 0.00 ? 48  ASP L CA 1 
ATOM 228 C CA . LYS C 3 42  ? 1.424   26.353  30.930  1.00 0.00 ? 49  LYS L CA 1 
ATOM 229 C CA . ALA C 3 43  ? -0.375  23.752  28.805  1.00 0.00 ? 50  ALA L CA 1 
ATOM 230 C CA . GLY C 3 44  ? -1.954  23.954  25.365  1.00 0.00 ? 51  GLY L CA 1 
ATOM 231 C CA . MET C 3 45  ? 0.513   26.541  24.094  1.00 0.00 ? 52  MET L CA 1 
ATOM 232 C CA . ILE C 3 46  ? 3.586   25.988  21.938  1.00 0.00 ? 53  ILE L CA 1 
ATOM 233 C CA . LEU C 3 47  ? 6.624   27.017  23.977  1.00 0.00 ? 54  LEU L CA 1 
ATOM 234 C CA . PRO C 3 48  ? 10.253  27.265  22.734  1.00 0.00 ? 55  PRO L CA 1 
ATOM 235 C CA . VAL C 3 49  ? 12.926  25.576  24.849  1.00 0.00 ? 56  VAL L CA 1 
ATOM 236 C CA . VAL C 3 50  ? 16.706  25.855  24.571  1.00 0.00 ? 57  VAL L CA 1 
ATOM 237 C CA . ILE C 3 51  ? 18.306  22.489  25.277  1.00 0.00 ? 58  ILE L CA 1 
ATOM 238 C CA . THR C 3 52  ? 22.001  22.443  26.192  1.00 0.00 ? 59  THR L CA 1 
ATOM 239 C CA . VAL C 3 53  ? 24.021  19.215  26.010  1.00 0.00 ? 60  VAL L CA 1 
ATOM 240 C CA . TYR C 3 54  ? 27.304  18.861  27.919  1.00 0.00 ? 61  TYR L CA 1 
ATOM 241 C CA . GLU C 3 55  ? 30.211  16.721  26.689  1.00 0.00 ? 62  GLU L CA 1 
ATOM 242 C CA . ASP C 3 56  ? 28.890  13.911  28.911  1.00 0.00 ? 63  ASP L CA 1 
ATOM 243 C CA . LYS C 3 57  ? 25.611  13.735  26.926  1.00 0.00 ? 64  LYS L CA 1 
ATOM 244 C CA . SER C 3 58  ? 23.777  15.160  29.953  1.00 0.00 ? 65  SER L CA 1 
ATOM 245 C CA . PHE C 3 59  ? 21.636  18.264  29.487  1.00 0.00 ? 66  PHE L CA 1 
ATOM 246 C CA . THR C 3 60  ? 19.563  21.163  30.820  1.00 0.00 ? 67  THR L CA 1 
ATOM 247 C CA . PHE C 3 61  ? 17.093  23.459  29.098  1.00 0.00 ? 68  PHE L CA 1 
ATOM 248 C CA . ILE C 3 62  ? 15.434  26.813  29.596  1.00 0.00 ? 69  ILE L CA 1 
ATOM 249 C CA . ILE C 3 63  ? 11.747  27.226  28.793  1.00 0.00 ? 70  ILE L CA 1 
ATOM 250 C CA . LYS C 3 64  ? 10.754  30.578  27.292  1.00 0.00 ? 71  LYS L CA 1 
ATOM 251 C CA . THR C 3 65  ? 7.500   32.329  26.459  1.00 0.00 ? 72  THR L CA 1 
ATOM 252 C CA . PRO C 3 66  ? 5.669   31.161  23.301  1.00 0.00 ? 73  PRO L CA 1 
ATOM 253 C CA . PRO C 3 67  ? 6.569   32.847  19.977  1.00 0.00 ? 74  PRO L CA 1 
ATOM 254 C CA . ALA C 3 68  ? 4.948   36.156  19.084  1.00 0.00 ? 75  ALA L CA 1 
ATOM 255 C CA . SER C 3 69  ? 3.534   34.741  15.870  1.00 0.00 ? 76  SER L CA 1 
ATOM 256 C CA . PHE C 3 70  ? 1.966   31.941  17.937  1.00 0.00 ? 77  PHE L CA 1 
ATOM 257 C CA . LEU C 3 71  ? 0.390   34.140  20.588  1.00 0.00 ? 78  LEU L CA 1 
ATOM 258 C CA . LEU C 3 72  ? -0.801  36.412  17.761  1.00 0.00 ? 79  LEU L CA 1 
ATOM 259 C CA . LYS C 3 73  ? -2.396  33.522  15.880  1.00 0.00 ? 80  LYS L CA 1 
ATOM 260 C CA . LYS C 3 74  ? -4.170  32.531  19.079  1.00 0.00 ? 81  LYS L CA 1 
ATOM 261 C CA . ALA C 3 75  ? -5.293  36.089  19.795  1.00 0.00 ? 82  ALA L CA 1 
ATOM 262 C CA . ALA C 3 76  ? -6.683  36.586  16.285  1.00 0.00 ? 83  ALA L CA 1 
ATOM 263 C CA . GLY C 3 77  ? -8.345  33.209  16.673  1.00 0.00 ? 84  GLY L CA 1 
ATOM 264 C CA . ILE C 3 78  ? -6.748  32.044  13.433  1.00 0.00 ? 85  ILE L CA 1 
ATOM 265 C CA . GLU C 3 79  ? -4.693  28.940  12.617  1.00 0.00 ? 86  GLU L CA 1 
ATOM 266 C CA . LYS C 3 80  ? -2.184  30.338  10.128  1.00 0.00 ? 87  LYS L CA 1 
ATOM 267 C CA . GLY C 3 81  ? -0.664  33.641  9.114   1.00 0.00 ? 88  GLY L CA 1 
ATOM 268 C CA . SER C 3 82  ? -1.466  35.291  5.808   1.00 0.00 ? 89  SER L CA 1 
ATOM 269 C CA . SER C 3 83  ? 0.259   33.636  2.866   1.00 0.00 ? 90  SER L CA 1 
ATOM 270 C CA . GLU C 3 84  ? 0.911   37.179  1.697   1.00 0.00 ? 91  GLU L CA 1 
ATOM 271 C CA . PRO C 3 85  ? 1.296   39.541  4.698   1.00 0.00 ? 92  PRO L CA 1 
ATOM 272 C CA . LYS C 3 86  ? -0.050  43.061  4.213   1.00 0.00 ? 93  LYS L CA 1 
ATOM 273 C CA . ARG C 3 87  ? -1.428  42.064  0.808   1.00 0.00 ? 94  ARG L CA 1 
ATOM 274 C CA . LYS C 3 88  ? -4.023  39.847  2.501   1.00 0.00 ? 95  LYS L CA 1 
ATOM 275 C CA . ILE C 3 89  ? -5.199  40.272  6.065   1.00 0.00 ? 96  ILE L CA 1 
ATOM 276 C CA . VAL C 3 90  ? -6.304  36.976  7.587   1.00 0.00 ? 97  VAL L CA 1 
ATOM 277 C CA . GLY C 3 91  ? -7.138  38.240  11.043  1.00 0.00 ? 98  GLY L CA 1 
ATOM 278 C CA . LYS C 3 92  ? -7.022  41.067  13.547  1.00 0.00 ? 99  LYS L CA 1 
ATOM 279 C CA . VAL C 3 93  ? -6.395  41.904  17.184  1.00 0.00 ? 100 VAL L CA 1 
ATOM 280 C CA . THR C 3 94  ? -7.186  44.814  19.462  1.00 0.00 ? 101 THR L CA 1 
ATOM 281 C CA . ARG C 3 95  ? -4.526  47.198  20.749  1.00 0.00 ? 102 ARG L CA 1 
ATOM 282 C CA . LYS C 3 96  ? -5.223  45.796  24.200  1.00 0.00 ? 103 LYS L CA 1 
ATOM 283 C CA . GLN C 3 97  ? -4.406  42.322  22.889  1.00 0.00 ? 104 GLN L CA 1 
ATOM 284 C CA . ILE C 3 98  ? -1.048  43.561  21.634  1.00 0.00 ? 105 ILE L CA 1 
ATOM 285 C CA . GLU C 3 99  ? -0.577  44.844  25.178  1.00 0.00 ? 106 GLU L CA 1 
ATOM 286 C CA . GLU C 3 100 ? -1.368  41.396  26.601  1.00 0.00 ? 107 GLU L CA 1 
ATOM 287 C CA . ILE C 3 101 ? 1.048   39.569  24.333  1.00 0.00 ? 108 ILE L CA 1 
ATOM 288 C CA . ALA C 3 102 ? 3.764   42.170  24.846  1.00 0.00 ? 109 ALA L CA 1 
ATOM 289 C CA . LYS C 3 103 ? 3.239   41.690  28.576  1.00 0.00 ? 110 LYS L CA 1 
ATOM 290 C CA . THR C 3 104 ? 3.317   37.907  28.240  1.00 0.00 ? 111 THR L CA 1 
ATOM 291 C CA . LYS C 3 105 ? 6.536   37.899  26.228  1.00 0.00 ? 112 LYS L CA 1 
ATOM 292 C CA . MET C 3 106 ? 8.150   40.673  28.291  1.00 0.00 ? 113 MET L CA 1 
ATOM 293 C CA . PRO C 3 107 ? 10.601  38.333  30.059  1.00 0.00 ? 114 PRO L CA 1 
ATOM 294 C CA . ASP C 3 108 ? 11.971  37.480  26.614  1.00 0.00 ? 115 ASP L CA 1 
ATOM 295 C CA . LEU C 3 109 ? 11.661  40.998  25.186  1.00 0.00 ? 116 LEU L CA 1 
ATOM 296 C CA . ASN C 3 110 ? 14.359  43.657  25.501  1.00 0.00 ? 117 ASN L CA 1 
ATOM 297 C CA . ALA C 3 111 ? 12.053  46.686  25.508  1.00 0.00 ? 118 ALA L CA 1 
ATOM 298 C CA . ASN C 3 112 ? 12.515  49.246  28.274  1.00 0.00 ? 119 ASN L CA 1 
ATOM 299 C CA . SER C 3 113 ? 8.837   50.201  28.189  1.00 0.00 ? 120 SER L CA 1 
ATOM 300 C CA . LEU C 3 114 ? 5.485   48.497  27.643  1.00 0.00 ? 121 LEU L CA 1 
ATOM 301 C CA . GLU C 3 115 ? 5.137   50.801  24.651  1.00 0.00 ? 122 GLU L CA 1 
ATOM 302 C CA . ALA C 3 116 ? 8.346   49.530  23.076  1.00 0.00 ? 123 ALA L CA 1 
ATOM 303 C CA . ALA C 3 117 ? 7.212   45.976  23.833  1.00 0.00 ? 124 ALA L CA 1 
ATOM 304 C CA . MET C 3 118 ? 3.940   46.486  21.985  1.00 0.00 ? 125 MET L CA 1 
ATOM 305 C CA . LYS C 3 119 ? 5.807   48.058  19.092  1.00 0.00 ? 126 LYS L CA 1 
ATOM 306 C CA . ILE C 3 120 ? 7.836   44.857  18.919  1.00 0.00 ? 127 ILE L CA 1 
ATOM 307 C CA . ILE C 3 121 ? 4.769   42.616  18.938  1.00 0.00 ? 128 ILE L CA 1 
ATOM 308 C CA . GLU C 3 122 ? 3.087   44.801  16.317  1.00 0.00 ? 129 GLU L CA 1 
ATOM 309 C CA . GLY C 3 123 ? 6.065   44.279  14.077  1.00 0.00 ? 130 GLY L CA 1 
ATOM 310 C CA . THR C 3 124 ? 5.389   40.548  14.147  1.00 0.00 ? 131 THR L CA 1 
ATOM 311 C CA . ALA C 3 125 ? 1.648   40.929  13.590  1.00 0.00 ? 132 ALA L CA 1 
ATOM 312 C CA . LYS C 3 126 ? 2.389   43.142  10.598  1.00 0.00 ? 133 LYS L CA 1 
ATOM 313 C CA . SER C 3 127 ? 4.473   40.282  9.239   1.00 0.00 ? 134 SER L CA 1 
ATOM 314 C CA . MET C 3 128 ? 1.712   37.672  9.402   1.00 0.00 ? 135 MET L CA 1 
ATOM 315 C CA . GLY C 3 129 ? -1.250  39.556  7.981   1.00 0.00 ? 136 GLY L CA 1 
ATOM 316 C CA . ILE C 3 130 ? -2.803  40.309  11.360  1.00 0.00 ? 137 ILE L CA 1 
ATOM 317 C CA . GLU C 3 131 ? -4.229  43.802  11.806  1.00 0.00 ? 138 GLU L CA 1 
ATOM 318 C CA . VAL C 3 132 ? -4.603  45.859  14.977  1.00 0.00 ? 139 VAL L CA 1 
ATOM 319 C CA . VAL C 3 133 ? -7.820  47.649  15.976  1.00 0.00 ? 140 VAL L CA 1 
# 
